data_6VL9
#
_entry.id   6VL9
#
_cell.length_a   90.711
_cell.length_b   169.788
_cell.length_c   69.394
_cell.angle_alpha   90.000
_cell.angle_beta   90.000
_cell.angle_gamma   90.000
#
_symmetry.space_group_name_H-M   'P 21 21 2'
#
loop_
_entity.id
_entity.type
_entity.pdbx_description
1 polymer '6-3 Fab heavy chain'
2 polymer '6-3 Fab light chain'
3 non-polymer 3,6,9,12,15,18,21,24,27,30,33,36,39,42,45,48,51,54,57-nonadecaoxanonapentacontane-1,59-diol
4 water water
#
loop_
_entity_poly.entity_id
_entity_poly.type
_entity_poly.pdbx_seq_one_letter_code
_entity_poly.pdbx_strand_id
1 'polypeptide(L)'
;QIQLVQSGPELKKPGETVKISCKASGYTFKNYGMNWVKQAPGKGLKWMGWINTYTGQPIYANDFKGRFAFSLETSASTAY
LQINNLKNEDTATYFCARDWGPYWGQGTLVIVSAASTKGPSVFPLAPSSKSTSGGTAALGCLVKDYFPEPVTVSWNSGAL
TSGVHTFPAVLQSSGLYSLSSVVTVPSSSLGTQTYICNVNHKPSNTKVDKKVEPKSCDKTHTHHHHHH
;
H,A
2 'polypeptide(L)'
;NIMMTQSPSSLAVSAGEKVTVNCKSSQSVLYSSNQMNYLAWYQQKPGQSPKLLIYWASTRESGVPDRFTGSGSGTDFTLT
ISSVQTEDLAVYYCLQYLSSWTFGGGTKLEIKRTVAAPSVFIFPPSDEQLKSGTASVVCLLNNFYPREAKVQWKVDNALQ
SGNSQESVTEQDSKDSTYSLSSTLTLSKADYEKHKVYACEVTHQGLSSPVTKSFNRGEC
;
L,B
#
# COMPACT_ATOMS: atom_id res chain seq x y z
N GLN A 1 -2.80 12.82 -46.98
CA GLN A 1 -2.32 12.41 -45.66
C GLN A 1 -2.38 13.54 -44.63
N ILE A 2 -3.43 13.50 -43.80
CA ILE A 2 -3.61 14.48 -42.74
C ILE A 2 -2.71 14.10 -41.57
N GLN A 3 -2.05 15.09 -40.97
CA GLN A 3 -1.33 14.83 -39.74
C GLN A 3 -1.11 16.12 -38.94
N LEU A 4 -0.94 15.95 -37.63
CA LEU A 4 -0.49 16.99 -36.72
C LEU A 4 0.90 16.60 -36.24
N VAL A 5 1.85 17.51 -36.37
CA VAL A 5 3.24 17.29 -35.92
C VAL A 5 3.57 18.30 -34.82
N GLN A 6 3.79 17.83 -33.60
CA GLN A 6 4.08 18.76 -32.52
C GLN A 6 5.59 19.01 -32.40
N SER A 7 5.93 20.05 -31.65
CA SER A 7 7.34 20.36 -31.43
C SER A 7 7.97 19.40 -30.41
N GLY A 8 9.30 19.44 -30.32
CA GLY A 8 10.08 18.43 -29.64
C GLY A 8 9.97 18.44 -28.13
N PRO A 9 10.57 17.43 -27.47
CA PRO A 9 10.50 17.38 -25.99
C PRO A 9 11.16 18.59 -25.36
N GLU A 10 10.60 19.02 -24.22
CA GLU A 10 10.99 20.27 -23.58
C GLU A 10 11.44 20.02 -22.16
N LEU A 11 12.62 20.53 -21.83
CA LEU A 11 13.18 20.43 -20.49
C LEU A 11 13.34 21.84 -19.94
N LYS A 12 12.63 22.13 -18.84
CA LYS A 12 12.47 23.50 -18.39
C LYS A 12 12.64 23.61 -16.88
N LYS A 13 13.23 24.71 -16.44
CA LYS A 13 13.36 25.04 -15.03
C LYS A 13 12.04 25.58 -14.47
N PRO A 14 11.71 25.28 -13.21
CA PRO A 14 10.52 25.89 -12.59
C PRO A 14 10.52 27.41 -12.77
N GLY A 15 9.32 27.97 -12.97
CA GLY A 15 9.16 29.38 -13.20
C GLY A 15 9.22 29.80 -14.66
N GLU A 16 9.80 28.99 -15.54
CA GLU A 16 9.95 29.40 -16.92
C GLU A 16 8.65 29.19 -17.71
N THR A 17 8.67 29.65 -18.95
CA THR A 17 7.54 29.53 -19.86
C THR A 17 7.91 28.58 -20.98
N VAL A 18 6.92 27.85 -21.49
CA VAL A 18 7.10 26.99 -22.65
C VAL A 18 5.94 27.22 -23.61
N LYS A 19 6.27 27.35 -24.89
CA LYS A 19 5.28 27.47 -25.96
C LYS A 19 5.42 26.24 -26.85
N ILE A 20 4.36 25.39 -26.89
CA ILE A 20 4.36 24.16 -27.65
C ILE A 20 3.69 24.40 -29.01
N SER A 21 4.27 23.80 -30.05
CA SER A 21 3.82 23.95 -31.42
C SER A 21 3.08 22.70 -31.89
N CYS A 22 1.98 22.93 -32.62
CA CYS A 22 1.24 21.85 -33.27
C CYS A 22 0.96 22.28 -34.70
N LYS A 23 1.68 21.67 -35.66
CA LYS A 23 1.54 22.01 -37.07
C LYS A 23 0.61 21.01 -37.77
N ALA A 24 -0.51 21.51 -38.28
CA ALA A 24 -1.47 20.69 -39.02
C ALA A 24 -1.13 20.69 -40.50
N SER A 25 -1.78 19.79 -41.22
CA SER A 25 -1.34 19.48 -42.58
C SER A 25 -2.38 18.62 -43.26
N GLY A 26 -2.68 18.94 -44.52
CA GLY A 26 -3.49 18.09 -45.38
C GLY A 26 -4.97 18.36 -45.37
N TYR A 27 -5.41 19.47 -44.80
CA TYR A 27 -6.81 19.88 -44.81
C TYR A 27 -6.88 21.38 -44.57
N THR A 28 -8.09 21.94 -44.74
CA THR A 28 -8.32 23.36 -44.49
C THR A 28 -8.30 23.61 -42.98
N PHE A 29 -7.17 24.17 -42.50
CA PHE A 29 -6.90 24.40 -41.07
C PHE A 29 -8.03 25.13 -40.35
N LYS A 30 -8.57 26.20 -40.96
CA LYS A 30 -9.58 27.03 -40.30
C LYS A 30 -10.94 26.35 -40.13
N ASN A 31 -11.23 25.26 -40.86
CA ASN A 31 -12.54 24.64 -40.70
C ASN A 31 -12.64 23.75 -39.48
N TYR A 32 -11.55 23.46 -38.78
CA TYR A 32 -11.59 22.45 -37.72
C TYR A 32 -11.01 23.00 -36.42
N GLY A 33 -11.83 22.99 -35.38
CA GLY A 33 -11.36 23.42 -34.07
C GLY A 33 -10.32 22.45 -33.52
N MET A 34 -9.42 22.99 -32.71
CA MET A 34 -8.32 22.20 -32.17
C MET A 34 -8.44 22.05 -30.66
N ASN A 35 -8.11 20.86 -30.17
CA ASN A 35 -8.20 20.54 -28.76
C ASN A 35 -6.81 20.25 -28.20
N TRP A 36 -6.65 20.54 -26.90
CA TRP A 36 -5.41 20.26 -26.19
C TRP A 36 -5.69 19.34 -25.01
N VAL A 37 -4.88 18.28 -24.90
CA VAL A 37 -5.05 17.25 -23.88
C VAL A 37 -3.75 17.10 -23.11
N LYS A 38 -3.86 17.00 -21.79
CA LYS A 38 -2.72 16.82 -20.89
C LYS A 38 -2.71 15.41 -20.33
N GLN A 39 -1.53 14.79 -20.31
CA GLN A 39 -1.36 13.50 -19.66
C GLN A 39 -0.13 13.56 -18.78
N ALA A 40 -0.35 13.54 -17.46
CA ALA A 40 0.74 13.47 -16.51
C ALA A 40 1.31 12.05 -16.50
N PRO A 41 2.61 11.91 -16.19
CA PRO A 41 3.24 10.58 -16.10
C PRO A 41 2.39 9.54 -15.38
N GLY A 42 1.91 8.55 -16.12
CA GLY A 42 1.20 7.44 -15.53
C GLY A 42 -0.29 7.63 -15.37
N LYS A 43 -0.83 8.77 -15.77
CA LYS A 43 -2.20 9.14 -15.44
C LYS A 43 -3.06 9.19 -16.71
N GLY A 44 -4.35 9.47 -16.52
CA GLY A 44 -5.28 9.48 -17.61
C GLY A 44 -5.16 10.70 -18.50
N LEU A 45 -6.06 10.78 -19.48
CA LEU A 45 -6.13 11.90 -20.41
C LEU A 45 -7.00 13.00 -19.84
N LYS A 46 -6.53 14.23 -19.93
CA LYS A 46 -7.25 15.37 -19.39
C LYS A 46 -7.44 16.39 -20.52
N TRP A 47 -8.70 16.70 -20.84
CA TRP A 47 -9.01 17.75 -21.80
C TRP A 47 -8.73 19.10 -21.17
N MET A 48 -7.87 19.88 -21.81
CA MET A 48 -7.53 21.19 -21.27
C MET A 48 -8.39 22.28 -21.87
N GLY A 49 -8.79 22.12 -23.12
CA GLY A 49 -9.62 23.12 -23.73
C GLY A 49 -9.57 22.99 -25.24
N TRP A 50 -10.01 24.06 -25.89
CA TRP A 50 -10.29 24.04 -27.31
C TRP A 50 -10.08 25.44 -27.84
N ILE A 51 -9.60 25.54 -29.07
CA ILE A 51 -9.47 26.83 -29.71
C ILE A 51 -10.17 26.81 -31.06
N ASN A 52 -10.98 27.83 -31.32
CA ASN A 52 -11.51 28.15 -32.63
C ASN A 52 -10.37 28.57 -33.56
N THR A 53 -10.09 27.77 -34.58
CA THR A 53 -8.97 28.03 -35.46
C THR A 53 -9.29 29.05 -36.56
N TYR A 54 -10.54 29.46 -36.70
CA TYR A 54 -10.86 30.54 -37.60
C TYR A 54 -10.76 31.89 -36.88
N THR A 55 -11.53 32.07 -35.82
CA THR A 55 -11.62 33.33 -35.09
C THR A 55 -10.64 33.43 -33.93
N GLY A 56 -9.96 32.34 -33.57
CA GLY A 56 -8.96 32.41 -32.52
C GLY A 56 -9.47 32.23 -31.10
N GLN A 57 -10.78 32.16 -30.89
CA GLN A 57 -11.31 32.14 -29.54
C GLN A 57 -10.87 30.89 -28.79
N PRO A 58 -10.41 31.03 -27.55
CA PRO A 58 -10.09 29.84 -26.75
C PRO A 58 -11.19 29.49 -25.76
N ILE A 59 -11.35 28.23 -25.40
CA ILE A 59 -12.20 27.85 -24.29
C ILE A 59 -11.40 26.89 -23.41
N TYR A 60 -11.35 27.19 -22.11
CA TYR A 60 -10.47 26.49 -21.19
C TYR A 60 -11.27 25.62 -20.25
N ALA A 61 -10.78 24.40 -20.02
CA ALA A 61 -11.29 23.58 -18.92
C ALA A 61 -11.17 24.37 -17.63
N ASN A 62 -11.96 24.03 -16.61
CA ASN A 62 -11.95 24.84 -15.41
C ASN A 62 -10.63 24.77 -14.65
N ASP A 63 -9.84 23.74 -14.88
CA ASP A 63 -8.56 23.60 -14.18
C ASP A 63 -7.41 24.27 -14.90
N PHE A 64 -7.61 24.81 -16.10
CA PHE A 64 -6.52 25.42 -16.86
C PHE A 64 -6.83 26.86 -17.18
N LYS A 65 -7.43 27.55 -16.20
CA LYS A 65 -7.76 28.97 -16.30
C LYS A 65 -6.70 29.72 -15.51
N GLY A 66 -5.82 30.39 -16.23
CA GLY A 66 -4.66 31.01 -15.62
C GLY A 66 -3.46 30.18 -15.97
N ARG A 67 -2.40 30.82 -16.45
CA ARG A 67 -1.11 30.23 -16.79
C ARG A 67 -1.14 29.49 -18.12
N PHE A 68 -2.31 29.26 -18.74
CA PHE A 68 -2.43 28.53 -20.00
C PHE A 68 -3.01 29.42 -21.09
N ALA A 69 -2.47 29.34 -22.30
CA ALA A 69 -2.99 30.17 -23.37
C ALA A 69 -2.87 29.46 -24.71
N PHE A 70 -3.99 29.34 -25.40
CA PHE A 70 -4.02 28.86 -26.78
C PHE A 70 -3.95 30.04 -27.74
N SER A 71 -3.23 29.86 -28.85
CA SER A 71 -3.17 30.91 -29.86
C SER A 71 -2.91 30.24 -31.21
N LEU A 72 -2.86 31.05 -32.26
CA LEU A 72 -2.71 30.53 -33.61
C LEU A 72 -1.59 31.27 -34.32
N GLU A 73 -1.21 30.71 -35.48
CA GLU A 73 -0.60 31.44 -36.57
C GLU A 73 -1.19 30.81 -37.84
N THR A 74 -2.41 31.26 -38.20
CA THR A 74 -3.19 30.55 -39.22
C THR A 74 -2.49 30.53 -40.57
N SER A 75 -1.74 31.58 -40.89
CA SER A 75 -0.88 31.54 -42.07
C SER A 75 -0.13 30.21 -42.16
N ALA A 76 0.44 29.77 -41.03
CA ALA A 76 1.26 28.57 -40.99
C ALA A 76 0.51 27.32 -40.52
N SER A 77 -0.80 27.42 -40.31
CA SER A 77 -1.62 26.28 -39.91
C SER A 77 -1.07 25.63 -38.64
N THR A 78 -0.82 26.47 -37.64
CA THR A 78 -0.18 26.03 -36.41
C THR A 78 -0.98 26.50 -35.21
N ALA A 79 -1.14 25.60 -34.24
CA ALA A 79 -1.74 25.92 -32.96
C ALA A 79 -0.64 25.94 -31.90
N TYR A 80 -0.71 26.90 -30.99
CA TYR A 80 0.25 27.02 -29.91
C TYR A 80 -0.43 26.84 -28.56
N LEU A 81 0.29 26.19 -27.65
CA LEU A 81 -0.09 26.10 -26.24
C LEU A 81 1.06 26.66 -25.42
N GLN A 82 0.80 27.74 -24.69
CA GLN A 82 1.80 28.35 -23.83
C GLN A 82 1.46 28.07 -22.37
N ILE A 83 2.45 27.59 -21.60
CA ILE A 83 2.34 27.51 -20.15
C ILE A 83 3.28 28.54 -19.54
N ASN A 84 2.74 29.45 -18.72
CA ASN A 84 3.55 30.38 -17.97
C ASN A 84 3.83 29.82 -16.58
N ASN A 85 5.04 30.10 -16.07
CA ASN A 85 5.39 29.90 -14.66
C ASN A 85 5.23 28.41 -14.29
N LEU A 86 6.14 27.62 -14.84
CA LEU A 86 6.00 26.16 -14.82
C LEU A 86 6.19 25.61 -13.42
N LYS A 87 5.31 24.69 -13.02
CA LYS A 87 5.35 24.01 -11.75
C LYS A 87 5.68 22.54 -11.97
N ASN A 88 5.92 21.84 -10.85
CA ASN A 88 6.17 20.39 -10.90
C ASN A 88 5.01 19.64 -11.54
N GLU A 89 3.78 20.05 -11.24
CA GLU A 89 2.57 19.42 -11.73
C GLU A 89 2.33 19.64 -13.21
N ASP A 90 3.09 20.53 -13.86
CA ASP A 90 2.96 20.67 -15.31
C ASP A 90 3.79 19.64 -16.07
N THR A 91 4.62 18.86 -15.37
CA THR A 91 5.35 17.77 -15.98
C THR A 91 4.35 16.76 -16.53
N ALA A 92 4.35 16.57 -17.85
CA ALA A 92 3.33 15.81 -18.55
C ALA A 92 3.63 15.78 -20.05
N THR A 93 2.84 14.99 -20.75
CA THR A 93 2.81 15.02 -22.21
C THR A 93 1.58 15.79 -22.65
N TYR A 94 1.78 16.72 -23.59
CA TYR A 94 0.72 17.58 -24.09
C TYR A 94 0.44 17.21 -25.53
N PHE A 95 -0.83 16.93 -25.81
CA PHE A 95 -1.32 16.51 -27.11
C PHE A 95 -2.24 17.58 -27.69
N CYS A 96 -2.08 17.85 -28.97
CA CYS A 96 -3.12 18.52 -29.73
C CYS A 96 -3.91 17.42 -30.48
N ALA A 97 -5.21 17.66 -30.64
CA ALA A 97 -6.12 16.66 -31.19
C ALA A 97 -7.26 17.37 -31.89
N ARG A 98 -7.46 17.10 -33.18
CA ARG A 98 -8.37 17.88 -33.98
C ARG A 98 -9.80 17.39 -33.80
N ASP A 99 -10.75 18.33 -33.94
CA ASP A 99 -12.17 17.99 -33.98
C ASP A 99 -12.46 17.05 -35.16
N TRP A 100 -13.32 16.06 -34.92
CA TRP A 100 -13.84 15.14 -35.93
C TRP A 100 -12.80 14.21 -36.54
N GLY A 101 -12.82 12.95 -36.11
CA GLY A 101 -11.96 11.95 -36.68
C GLY A 101 -10.87 11.49 -35.73
N PRO A 102 -9.82 10.86 -36.27
CA PRO A 102 -8.84 10.19 -35.40
C PRO A 102 -7.53 10.92 -35.23
N TYR A 103 -7.45 12.21 -35.56
CA TYR A 103 -6.17 12.90 -35.68
C TYR A 103 -5.70 13.46 -34.34
N TRP A 104 -4.46 13.09 -33.98
CA TRP A 104 -3.74 13.59 -32.82
C TRP A 104 -2.31 13.89 -33.23
N GLY A 105 -1.71 14.91 -32.62
CA GLY A 105 -0.27 15.08 -32.70
C GLY A 105 0.41 13.95 -31.96
N GLN A 106 1.73 13.89 -32.07
CA GLN A 106 2.43 12.82 -31.39
C GLN A 106 2.67 13.12 -29.90
N GLY A 107 2.39 14.35 -29.45
CA GLY A 107 2.56 14.72 -28.06
C GLY A 107 3.92 15.30 -27.75
N THR A 108 3.93 16.35 -26.93
CA THR A 108 5.15 17.00 -26.48
C THR A 108 5.33 16.72 -24.99
N LEU A 109 6.44 16.07 -24.65
CA LEU A 109 6.79 15.83 -23.25
C LEU A 109 7.42 17.07 -22.66
N VAL A 110 6.90 17.49 -21.51
CA VAL A 110 7.42 18.62 -20.77
C VAL A 110 7.92 18.11 -19.41
N ILE A 111 9.20 18.28 -19.14
CA ILE A 111 9.80 17.99 -17.84
C ILE A 111 10.11 19.31 -17.15
N VAL A 112 9.68 19.45 -15.89
CA VAL A 112 10.03 20.60 -15.05
C VAL A 112 11.02 20.13 -13.99
N SER A 113 12.16 20.82 -13.89
CA SER A 113 13.27 20.34 -13.09
C SER A 113 14.29 21.46 -12.85
N ALA A 114 14.88 21.47 -11.65
CA ALA A 114 15.97 22.42 -11.36
C ALA A 114 17.27 22.04 -12.06
N ALA A 115 17.37 20.81 -12.54
CA ALA A 115 18.64 20.26 -13.03
C ALA A 115 19.05 20.86 -14.36
N SER A 116 20.37 20.84 -14.60
CA SER A 116 20.98 21.00 -15.90
C SER A 116 21.48 19.64 -16.38
N THR A 117 22.07 19.60 -17.56
CA THR A 117 22.59 18.33 -18.05
C THR A 117 23.71 17.82 -17.15
N LYS A 118 23.64 16.54 -16.79
CA LYS A 118 24.59 15.94 -15.87
C LYS A 118 24.54 14.43 -16.08
N GLY A 119 25.73 13.81 -16.16
CA GLY A 119 25.83 12.38 -16.31
C GLY A 119 25.83 11.64 -14.98
N PRO A 120 25.48 10.35 -15.02
CA PRO A 120 25.21 9.61 -13.77
C PRO A 120 26.46 9.27 -12.96
N SER A 121 26.25 9.14 -11.65
CA SER A 121 27.11 8.32 -10.79
C SER A 121 26.57 6.89 -10.74
N VAL A 122 27.47 5.92 -10.84
CA VAL A 122 27.11 4.51 -10.89
C VAL A 122 27.74 3.80 -9.69
N PHE A 123 26.90 3.20 -8.85
CA PHE A 123 27.40 2.53 -7.66
C PHE A 123 27.00 1.06 -7.67
N PRO A 124 27.88 0.16 -7.20
CA PRO A 124 27.53 -1.26 -7.19
C PRO A 124 26.41 -1.55 -6.20
N LEU A 125 25.45 -2.35 -6.64
CA LEU A 125 24.55 -3.08 -5.74
C LEU A 125 25.13 -4.50 -5.62
N ALA A 126 25.98 -4.71 -4.60
CA ALA A 126 26.80 -5.91 -4.47
C ALA A 126 25.99 -7.11 -3.97
N PRO A 127 26.34 -8.31 -4.44
CA PRO A 127 25.62 -9.54 -4.01
C PRO A 127 25.84 -9.88 -2.54
N SER A 128 24.87 -10.62 -2.01
CA SER A 128 24.59 -10.69 -0.57
C SER A 128 25.47 -11.72 0.14
N SER A 129 25.18 -11.93 1.44
CA SER A 129 25.86 -12.87 2.34
C SER A 129 27.36 -12.56 2.42
N GLY A 135 19.59 -21.15 -4.72
CA GLY A 135 20.98 -20.97 -5.05
C GLY A 135 21.21 -19.87 -6.07
N THR A 136 20.41 -18.80 -6.00
CA THR A 136 20.47 -17.67 -6.91
C THR A 136 20.66 -16.38 -6.12
N ALA A 137 21.55 -15.52 -6.60
CA ALA A 137 21.82 -14.24 -5.95
C ALA A 137 21.39 -13.06 -6.84
N ALA A 138 21.10 -11.93 -6.20
CA ALA A 138 20.77 -10.71 -6.92
C ALA A 138 21.92 -9.73 -6.80
N LEU A 139 22.15 -8.95 -7.87
CA LEU A 139 23.18 -7.93 -7.89
C LEU A 139 22.80 -6.89 -8.95
N GLY A 140 23.43 -5.72 -8.88
CA GLY A 140 23.07 -4.67 -9.82
C GLY A 140 23.83 -3.37 -9.66
N CYS A 141 23.30 -2.33 -10.30
CA CYS A 141 23.97 -1.04 -10.46
C CYS A 141 23.01 0.08 -10.15
N LEU A 142 23.42 1.01 -9.30
CA LEU A 142 22.65 2.21 -9.01
C LEU A 142 23.12 3.31 -9.94
N VAL A 143 22.24 3.76 -10.84
CA VAL A 143 22.54 4.83 -11.80
C VAL A 143 21.85 6.09 -11.27
N LYS A 144 22.64 6.99 -10.63
CA LYS A 144 22.10 8.07 -9.83
C LYS A 144 22.52 9.45 -10.33
N ASP A 145 21.61 10.41 -10.13
CA ASP A 145 21.93 11.84 -10.17
C ASP A 145 22.34 12.31 -11.56
N TYR A 146 21.57 11.91 -12.57
CA TYR A 146 21.79 12.34 -13.95
C TYR A 146 20.55 13.05 -14.52
N PHE A 147 20.76 13.76 -15.65
CA PHE A 147 19.71 14.51 -16.33
C PHE A 147 20.13 14.95 -17.74
N PRO A 148 19.21 14.99 -18.73
CA PRO A 148 17.84 14.48 -18.70
C PRO A 148 17.80 12.99 -19.02
N GLU A 149 16.60 12.45 -19.21
CA GLU A 149 16.43 11.12 -19.74
C GLU A 149 16.89 11.07 -21.19
N PRO A 150 17.38 9.90 -21.68
CA PRO A 150 17.48 8.63 -20.97
C PRO A 150 18.92 8.15 -20.70
N VAL A 151 19.08 7.04 -19.97
CA VAL A 151 20.33 6.28 -19.95
C VAL A 151 20.03 4.89 -20.46
N THR A 152 21.03 4.27 -21.08
CA THR A 152 20.96 2.85 -21.40
C THR A 152 21.93 2.09 -20.51
N VAL A 153 21.47 0.95 -20.01
CA VAL A 153 22.28 0.06 -19.19
C VAL A 153 22.36 -1.28 -19.91
N SER A 154 23.57 -1.82 -20.01
CA SER A 154 23.74 -3.20 -20.47
C SER A 154 24.68 -3.89 -19.48
N TRP A 155 24.76 -5.21 -19.61
CA TRP A 155 25.50 -6.06 -18.70
C TRP A 155 26.47 -6.91 -19.50
N ASN A 156 27.75 -6.86 -19.11
CA ASN A 156 28.80 -7.57 -19.83
C ASN A 156 28.75 -7.27 -21.33
N SER A 157 28.76 -5.98 -21.66
CA SER A 157 28.77 -5.51 -23.05
C SER A 157 27.65 -6.14 -23.88
N GLY A 158 26.58 -6.59 -23.22
CA GLY A 158 25.46 -7.21 -23.90
C GLY A 158 25.39 -8.71 -23.75
N ALA A 159 26.47 -9.36 -23.28
CA ALA A 159 26.49 -10.81 -23.19
C ALA A 159 25.46 -11.36 -22.22
N LEU A 160 24.97 -10.54 -21.28
CA LEU A 160 24.08 -10.99 -20.22
C LEU A 160 22.76 -10.22 -20.33
N THR A 161 21.72 -10.89 -20.82
CA THR A 161 20.40 -10.28 -20.93
C THR A 161 19.34 -10.99 -20.12
N SER A 162 19.59 -12.23 -19.71
CA SER A 162 18.57 -13.02 -19.03
C SER A 162 18.58 -12.66 -17.55
N GLY A 163 17.39 -12.41 -17.00
CA GLY A 163 17.28 -12.04 -15.60
C GLY A 163 17.56 -10.59 -15.29
N VAL A 164 17.63 -9.74 -16.30
CA VAL A 164 17.94 -8.31 -16.11
C VAL A 164 16.64 -7.51 -16.01
N HIS A 165 16.62 -6.59 -15.04
CA HIS A 165 15.55 -5.63 -14.85
C HIS A 165 16.19 -4.25 -14.72
N THR A 166 15.97 -3.40 -15.71
CA THR A 166 16.31 -1.99 -15.58
C THR A 166 15.01 -1.22 -15.35
N PHE A 167 14.93 -0.56 -14.19
CA PHE A 167 13.69 0.06 -13.75
C PHE A 167 13.49 1.42 -14.42
N PRO A 168 12.24 1.87 -14.54
CA PRO A 168 11.98 3.25 -14.99
C PRO A 168 12.63 4.25 -14.05
N ALA A 169 13.17 5.33 -14.64
CA ALA A 169 13.77 6.39 -13.85
C ALA A 169 12.72 7.11 -12.99
N VAL A 170 13.20 7.73 -11.94
CA VAL A 170 12.36 8.60 -11.11
C VAL A 170 13.05 9.95 -10.99
N LEU A 171 12.24 10.99 -10.83
CA LEU A 171 12.74 12.33 -10.54
C LEU A 171 12.89 12.45 -9.03
N GLN A 172 14.10 12.76 -8.58
CA GLN A 172 14.30 13.05 -7.18
C GLN A 172 13.86 14.49 -6.90
N SER A 173 13.85 14.87 -5.62
CA SER A 173 13.50 16.23 -5.25
C SER A 173 14.48 17.24 -5.83
N SER A 174 15.74 16.84 -6.00
CA SER A 174 16.75 17.72 -6.58
C SER A 174 16.49 18.00 -8.04
N GLY A 175 15.59 17.25 -8.68
CA GLY A 175 15.37 17.36 -10.11
C GLY A 175 16.26 16.47 -10.93
N LEU A 176 16.97 15.53 -10.30
CA LEU A 176 17.88 14.62 -10.98
C LEU A 176 17.26 13.23 -11.04
N TYR A 177 17.52 12.52 -12.13
CA TYR A 177 16.94 11.20 -12.31
C TYR A 177 17.76 10.14 -11.57
N SER A 178 17.13 8.99 -11.35
CA SER A 178 17.83 7.89 -10.70
C SER A 178 17.09 6.59 -10.98
N LEU A 179 17.87 5.53 -11.25
CA LEU A 179 17.29 4.20 -11.46
C LEU A 179 18.30 3.16 -11.01
N SER A 180 17.84 1.90 -10.97
CA SER A 180 18.70 0.76 -10.72
C SER A 180 18.50 -0.30 -11.80
N SER A 181 19.59 -1.01 -12.10
CA SER A 181 19.58 -2.18 -12.97
C SER A 181 19.95 -3.39 -12.14
N VAL A 182 19.08 -4.41 -12.09
CA VAL A 182 19.35 -5.60 -11.29
C VAL A 182 19.40 -6.83 -12.20
N VAL A 183 20.03 -7.88 -11.69
CA VAL A 183 20.16 -9.16 -12.37
C VAL A 183 20.19 -10.23 -11.30
N THR A 184 19.52 -11.34 -11.55
CA THR A 184 19.68 -12.52 -10.72
C THR A 184 20.58 -13.49 -11.46
N VAL A 185 21.58 -14.00 -10.75
CA VAL A 185 22.55 -14.93 -11.33
C VAL A 185 22.71 -16.06 -10.33
N PRO A 186 23.30 -17.19 -10.72
CA PRO A 186 23.52 -18.27 -9.74
C PRO A 186 24.60 -17.88 -8.72
N SER A 187 24.30 -18.11 -7.44
CA SER A 187 25.28 -17.96 -6.37
C SER A 187 26.64 -18.54 -6.75
N SER A 188 26.66 -19.77 -7.27
CA SER A 188 27.90 -20.46 -7.56
C SER A 188 28.84 -19.69 -8.49
N SER A 189 28.32 -18.74 -9.27
CA SER A 189 29.15 -18.02 -10.24
C SER A 189 29.87 -16.81 -9.65
N LEU A 190 29.47 -16.33 -8.47
CA LEU A 190 30.18 -15.19 -7.86
C LEU A 190 31.61 -15.62 -7.53
N GLY A 191 32.59 -14.79 -7.88
CA GLY A 191 33.97 -15.16 -7.73
C GLY A 191 34.54 -15.97 -8.87
N THR A 192 33.70 -16.68 -9.63
CA THR A 192 34.07 -17.08 -10.99
C THR A 192 33.79 -15.95 -11.97
N GLN A 193 32.51 -15.68 -12.21
CA GLN A 193 32.09 -14.82 -13.29
C GLN A 193 32.20 -13.33 -12.93
N THR A 194 32.68 -12.55 -13.89
CA THR A 194 32.74 -11.10 -13.74
C THR A 194 31.45 -10.47 -14.24
N TYR A 195 30.93 -9.51 -13.47
CA TYR A 195 29.70 -8.81 -13.80
C TYR A 195 30.00 -7.32 -13.88
N ILE A 196 29.82 -6.76 -15.07
CA ILE A 196 30.08 -5.36 -15.36
C ILE A 196 28.79 -4.76 -15.89
N CYS A 197 28.39 -3.61 -15.36
CA CYS A 197 27.27 -2.92 -15.98
C CYS A 197 27.79 -1.74 -16.79
N ASN A 198 27.21 -1.55 -17.98
CA ASN A 198 27.66 -0.57 -18.96
C ASN A 198 26.59 0.51 -19.07
N VAL A 199 26.85 1.68 -18.47
CA VAL A 199 25.90 2.78 -18.48
C VAL A 199 26.31 3.80 -19.53
N ASN A 200 25.36 4.20 -20.35
CA ASN A 200 25.59 5.24 -21.34
C ASN A 200 24.54 6.35 -21.19
N HIS A 201 25.00 7.60 -21.23
CA HIS A 201 24.14 8.78 -21.15
C HIS A 201 24.55 9.71 -22.28
N LYS A 202 23.82 9.64 -23.41
CA LYS A 202 24.20 10.39 -24.61
C LYS A 202 24.12 11.90 -24.44
N PRO A 203 23.13 12.46 -23.70
CA PRO A 203 23.13 13.94 -23.54
C PRO A 203 24.42 14.49 -22.94
N SER A 204 24.84 14.00 -21.77
CA SER A 204 26.10 14.47 -21.19
C SER A 204 27.30 13.96 -21.95
N ASN A 205 27.11 13.05 -22.90
CA ASN A 205 28.19 12.44 -23.65
C ASN A 205 29.19 11.75 -22.71
N THR A 206 28.67 10.80 -21.93
CA THR A 206 29.42 10.11 -20.91
C THR A 206 29.10 8.62 -20.96
N LYS A 207 30.09 7.81 -20.64
CA LYS A 207 29.99 6.36 -20.65
C LYS A 207 30.74 5.87 -19.42
N VAL A 208 30.17 4.87 -18.73
CA VAL A 208 30.72 4.38 -17.48
C VAL A 208 30.47 2.88 -17.40
N ASP A 209 31.51 2.12 -17.05
CA ASP A 209 31.41 0.71 -16.69
C ASP A 209 31.75 0.56 -15.21
N LYS A 210 31.03 -0.33 -14.53
CA LYS A 210 31.32 -0.61 -13.12
C LYS A 210 31.30 -2.11 -12.88
N LYS A 211 32.42 -2.66 -12.46
CA LYS A 211 32.42 -4.04 -12.02
C LYS A 211 31.65 -4.12 -10.70
N VAL A 212 30.88 -5.18 -10.53
CA VAL A 212 30.07 -5.41 -9.33
C VAL A 212 30.48 -6.76 -8.79
N GLU A 213 31.15 -6.78 -7.67
CA GLU A 213 31.68 -7.99 -7.08
C GLU A 213 31.32 -8.05 -5.61
N PRO A 214 31.46 -9.22 -4.99
CA PRO A 214 31.15 -9.31 -3.56
C PRO A 214 32.06 -8.43 -2.72
N LYS A 215 31.47 -7.75 -1.74
CA LYS A 215 32.24 -6.96 -0.78
C LYS A 215 33.02 -7.83 0.23
N ASN B 1 -20.94 20.21 -16.41
CA ASN B 1 -19.99 19.31 -17.06
C ASN B 1 -20.54 17.91 -17.13
N ILE B 2 -20.48 17.30 -18.31
CA ILE B 2 -20.82 15.88 -18.41
C ILE B 2 -19.69 15.07 -17.77
N MET B 3 -20.02 14.35 -16.70
CA MET B 3 -19.04 13.50 -16.04
C MET B 3 -19.03 12.11 -16.67
N MET B 4 -17.88 11.46 -16.61
CA MET B 4 -17.70 10.15 -17.23
C MET B 4 -17.06 9.20 -16.23
N THR B 5 -17.81 8.19 -15.82
CA THR B 5 -17.35 7.14 -14.93
C THR B 5 -17.09 5.87 -15.76
N GLN B 6 -15.83 5.51 -15.89
CA GLN B 6 -15.41 4.29 -16.57
C GLN B 6 -15.10 3.19 -15.54
N SER B 7 -15.41 1.94 -15.89
CA SER B 7 -15.18 0.82 -14.99
C SER B 7 -15.06 -0.46 -15.81
N PRO B 8 -14.28 -1.45 -15.35
CA PRO B 8 -13.45 -1.36 -14.15
C PRO B 8 -12.22 -0.54 -14.48
N SER B 9 -11.46 -0.12 -13.49
CA SER B 9 -10.26 0.61 -13.88
C SER B 9 -9.15 -0.33 -14.33
N SER B 10 -9.20 -1.61 -13.95
CA SER B 10 -8.19 -2.56 -14.34
C SER B 10 -8.81 -3.92 -14.62
N LEU B 11 -8.29 -4.62 -15.63
CA LEU B 11 -8.82 -5.92 -16.05
C LEU B 11 -7.68 -6.86 -16.38
N ALA B 12 -7.71 -8.05 -15.80
CA ALA B 12 -6.69 -9.07 -16.02
C ALA B 12 -7.32 -10.19 -16.83
N VAL B 13 -6.68 -10.58 -17.94
CA VAL B 13 -7.35 -11.41 -18.93
C VAL B 13 -6.40 -12.44 -19.52
N SER B 14 -7.00 -13.46 -20.13
CA SER B 14 -6.32 -14.51 -20.86
C SER B 14 -6.59 -14.35 -22.35
N ALA B 15 -5.66 -14.91 -23.15
CA ALA B 15 -5.87 -15.16 -24.57
C ALA B 15 -7.28 -15.70 -24.82
N GLY B 16 -8.04 -14.95 -25.62
CA GLY B 16 -9.31 -15.42 -26.13
C GLY B 16 -10.51 -15.08 -25.28
N GLU B 17 -10.31 -14.59 -24.06
CA GLU B 17 -11.43 -14.15 -23.24
C GLU B 17 -12.16 -12.98 -23.91
N LYS B 18 -13.44 -12.87 -23.60
CA LYS B 18 -14.23 -11.69 -23.94
C LYS B 18 -14.02 -10.64 -22.86
N VAL B 19 -13.93 -9.38 -23.27
CA VAL B 19 -13.61 -8.29 -22.36
C VAL B 19 -14.66 -7.20 -22.52
N THR B 20 -15.15 -6.68 -21.40
CA THR B 20 -16.15 -5.62 -21.43
C THR B 20 -15.71 -4.44 -20.58
N VAL B 21 -15.74 -3.26 -21.18
CA VAL B 21 -15.49 -1.99 -20.50
C VAL B 21 -16.77 -1.17 -20.55
N ASN B 22 -17.16 -0.63 -19.41
CA ASN B 22 -18.39 0.13 -19.30
C ASN B 22 -18.06 1.60 -19.03
N CYS B 23 -18.75 2.46 -19.77
CA CYS B 23 -18.74 3.90 -19.58
C CYS B 23 -20.11 4.35 -19.09
N LYS B 24 -20.13 5.42 -18.29
CA LYS B 24 -21.35 5.98 -17.71
C LYS B 24 -21.31 7.50 -17.81
N SER B 25 -22.24 8.09 -18.56
CA SER B 25 -22.41 9.54 -18.67
C SER B 25 -23.24 10.08 -17.53
N SER B 26 -22.85 11.23 -16.99
CA SER B 26 -23.72 11.89 -16.03
C SER B 26 -24.92 12.56 -16.69
N GLN B 27 -24.82 12.91 -17.99
CA GLN B 27 -25.95 13.36 -18.81
C GLN B 27 -25.92 12.64 -20.15
N SER B 28 -27.09 12.50 -20.77
CA SER B 28 -27.18 11.82 -22.06
C SER B 28 -26.30 12.53 -23.08
N VAL B 29 -25.63 11.75 -23.91
CA VAL B 29 -24.92 12.30 -25.05
C VAL B 29 -25.60 11.93 -26.37
N LEU B 30 -26.87 11.57 -26.30
CA LEU B 30 -27.71 11.38 -27.48
C LEU B 30 -28.27 12.73 -27.90
N TYR B 31 -27.81 13.26 -29.02
CA TYR B 31 -28.39 14.49 -29.56
C TYR B 31 -29.70 14.15 -30.29
N SER B 32 -30.82 14.67 -29.80
CA SER B 32 -32.13 14.20 -30.26
C SER B 32 -32.33 14.49 -31.75
N SER B 33 -31.89 15.65 -32.22
CA SER B 33 -32.25 16.06 -33.58
C SER B 33 -31.66 15.12 -34.63
N ASN B 34 -30.43 14.63 -34.43
CA ASN B 34 -29.80 13.71 -35.37
C ASN B 34 -29.60 12.29 -34.82
N GLN B 35 -30.07 12.02 -33.60
CA GLN B 35 -30.14 10.67 -33.03
C GLN B 35 -28.77 10.00 -32.93
N MET B 36 -27.73 10.81 -32.81
CA MET B 36 -26.39 10.29 -32.69
C MET B 36 -25.87 10.46 -31.26
N ASN B 37 -25.08 9.47 -30.82
CA ASN B 37 -24.43 9.49 -29.51
C ASN B 37 -23.01 10.01 -29.70
N TYR B 38 -22.65 11.05 -28.94
CA TYR B 38 -21.37 11.72 -29.17
C TYR B 38 -20.30 11.08 -28.28
N LEU B 39 -20.00 9.82 -28.61
CA LEU B 39 -19.19 8.98 -27.75
C LEU B 39 -18.17 8.21 -28.56
N ALA B 40 -16.94 8.14 -28.03
CA ALA B 40 -15.82 7.50 -28.70
C ALA B 40 -15.02 6.67 -27.72
N TRP B 41 -14.26 5.72 -28.27
CA TRP B 41 -13.40 4.84 -27.51
C TRP B 41 -12.00 4.92 -28.09
N TYR B 42 -11.00 4.98 -27.20
CA TYR B 42 -9.59 5.05 -27.57
C TYR B 42 -8.79 3.95 -26.90
N GLN B 43 -7.86 3.39 -27.67
CA GLN B 43 -6.81 2.53 -27.16
C GLN B 43 -5.53 3.33 -27.15
N GLN B 44 -4.79 3.28 -26.03
CA GLN B 44 -3.51 3.95 -25.95
C GLN B 44 -2.45 3.04 -25.33
N LYS B 45 -1.34 2.87 -26.03
CA LYS B 45 -0.19 2.06 -25.69
C LYS B 45 0.96 2.95 -25.20
N PRO B 46 1.81 2.41 -24.33
CA PRO B 46 2.85 3.22 -23.69
C PRO B 46 3.66 4.03 -24.70
N GLY B 47 3.88 5.31 -24.37
CA GLY B 47 4.61 6.23 -25.22
C GLY B 47 3.97 6.58 -26.55
N GLN B 48 2.69 6.25 -26.75
CA GLN B 48 2.03 6.46 -28.03
C GLN B 48 0.83 7.39 -27.89
N SER B 49 0.47 8.04 -29.00
CA SER B 49 -0.76 8.80 -29.05
C SER B 49 -1.97 7.88 -28.88
N PRO B 50 -3.07 8.38 -28.32
CA PRO B 50 -4.28 7.57 -28.31
C PRO B 50 -4.74 7.29 -29.73
N LYS B 51 -5.38 6.14 -29.92
CA LYS B 51 -5.81 5.65 -31.22
C LYS B 51 -7.32 5.46 -31.21
N LEU B 52 -8.02 6.13 -32.12
CA LEU B 52 -9.48 6.09 -32.11
C LEU B 52 -9.98 4.71 -32.53
N LEU B 53 -10.72 4.03 -31.66
CA LEU B 53 -11.26 2.72 -32.05
C LEU B 53 -12.68 2.80 -32.60
N ILE B 54 -13.55 3.56 -31.92
CA ILE B 54 -14.97 3.60 -32.23
C ILE B 54 -15.50 5.02 -31.96
N TYR B 55 -16.36 5.50 -32.85
CA TYR B 55 -17.01 6.80 -32.65
C TYR B 55 -18.49 6.66 -32.96
N TRP B 56 -19.26 7.65 -32.52
CA TRP B 56 -20.72 7.58 -32.56
C TRP B 56 -21.18 6.33 -31.84
N ALA B 57 -20.45 5.99 -30.75
CA ALA B 57 -20.74 4.86 -29.87
C ALA B 57 -20.58 3.50 -30.54
N SER B 58 -20.90 3.38 -31.84
CA SER B 58 -20.91 2.06 -32.44
C SER B 58 -20.22 1.96 -33.79
N THR B 59 -19.76 3.05 -34.36
CA THR B 59 -19.07 2.98 -35.64
C THR B 59 -17.60 2.74 -35.42
N ARG B 60 -17.08 1.68 -36.03
CA ARG B 60 -15.68 1.33 -35.94
C ARG B 60 -14.85 2.15 -36.91
N GLU B 61 -13.70 2.63 -36.42
CA GLU B 61 -12.76 3.34 -37.26
C GLU B 61 -12.12 2.38 -38.25
N SER B 62 -11.95 2.85 -39.49
CA SER B 62 -11.33 2.01 -40.49
C SER B 62 -9.93 1.60 -40.05
N GLY B 63 -9.63 0.31 -40.15
CA GLY B 63 -8.35 -0.21 -39.73
C GLY B 63 -8.38 -0.88 -38.37
N VAL B 64 -9.37 -0.57 -37.54
CA VAL B 64 -9.52 -1.26 -36.25
C VAL B 64 -9.92 -2.71 -36.50
N PRO B 65 -9.34 -3.67 -35.78
CA PRO B 65 -9.72 -5.07 -36.01
C PRO B 65 -11.19 -5.31 -35.68
N ASP B 66 -11.76 -6.32 -36.35
CA ASP B 66 -13.18 -6.59 -36.27
C ASP B 66 -13.65 -6.94 -34.87
N ARG B 67 -12.75 -7.46 -34.03
CA ARG B 67 -13.15 -7.98 -32.73
C ARG B 67 -13.53 -6.88 -31.73
N PHE B 68 -13.43 -5.59 -32.12
CA PHE B 68 -13.85 -4.47 -31.28
C PHE B 68 -15.23 -3.99 -31.71
N THR B 69 -16.13 -3.82 -30.76
CA THR B 69 -17.40 -3.17 -31.07
C THR B 69 -17.85 -2.33 -29.88
N GLY B 70 -18.48 -1.20 -30.18
CA GLY B 70 -19.09 -0.34 -29.17
C GLY B 70 -20.60 -0.43 -29.29
N SER B 71 -21.28 -0.31 -28.14
CA SER B 71 -22.74 -0.35 -28.10
C SER B 71 -23.25 0.49 -26.93
N GLY B 72 -24.57 0.61 -26.85
CA GLY B 72 -25.24 1.42 -25.85
C GLY B 72 -25.74 2.72 -26.44
N SER B 73 -26.50 3.46 -25.62
CA SER B 73 -27.06 4.73 -26.08
C SER B 73 -27.48 5.55 -24.85
N GLY B 74 -27.43 6.88 -25.00
CA GLY B 74 -27.85 7.79 -23.95
C GLY B 74 -26.81 8.06 -22.88
N THR B 75 -26.85 7.28 -21.79
CA THR B 75 -25.88 7.42 -20.72
C THR B 75 -25.00 6.18 -20.49
N ASP B 76 -25.26 5.05 -21.16
CA ASP B 76 -24.57 3.80 -20.85
C ASP B 76 -23.93 3.20 -22.09
N PHE B 77 -22.61 3.05 -22.07
CA PHE B 77 -21.89 2.60 -23.24
C PHE B 77 -20.92 1.50 -22.85
N THR B 78 -20.71 0.58 -23.79
CA THR B 78 -19.85 -0.56 -23.56
C THR B 78 -18.94 -0.77 -24.75
N LEU B 79 -17.67 -1.04 -24.48
CA LEU B 79 -16.68 -1.47 -25.47
C LEU B 79 -16.43 -2.96 -25.26
N THR B 80 -16.60 -3.73 -26.32
CA THR B 80 -16.41 -5.17 -26.23
C THR B 80 -15.28 -5.62 -27.13
N ILE B 81 -14.38 -6.43 -26.58
CA ILE B 81 -13.42 -7.19 -27.36
C ILE B 81 -13.89 -8.64 -27.31
N SER B 82 -14.46 -9.12 -28.43
CA SER B 82 -14.95 -10.50 -28.51
C SER B 82 -13.92 -11.51 -28.02
N SER B 83 -12.67 -11.34 -28.42
CA SER B 83 -11.67 -12.35 -28.09
C SER B 83 -10.33 -11.63 -28.06
N VAL B 84 -9.79 -11.45 -26.86
CA VAL B 84 -8.67 -10.52 -26.67
C VAL B 84 -7.35 -11.22 -27.03
N GLN B 85 -6.47 -10.46 -27.66
CA GLN B 85 -5.14 -10.93 -28.03
C GLN B 85 -4.10 -9.97 -27.43
N THR B 86 -2.85 -10.46 -27.37
CA THR B 86 -1.78 -9.66 -26.77
C THR B 86 -1.62 -8.31 -27.46
N GLU B 87 -1.94 -8.24 -28.77
CA GLU B 87 -2.00 -6.97 -29.51
C GLU B 87 -2.87 -5.93 -28.81
N ASP B 88 -3.85 -6.37 -28.01
CA ASP B 88 -4.85 -5.47 -27.44
C ASP B 88 -4.51 -5.02 -26.02
N LEU B 89 -3.42 -5.50 -25.44
CA LEU B 89 -2.98 -5.07 -24.10
C LEU B 89 -2.58 -3.61 -24.16
N ALA B 90 -3.36 -2.76 -23.51
CA ALA B 90 -3.34 -1.31 -23.68
C ALA B 90 -4.23 -0.74 -22.59
N VAL B 91 -4.33 0.59 -22.57
CA VAL B 91 -5.30 1.27 -21.72
C VAL B 91 -6.36 1.90 -22.62
N TYR B 92 -7.62 1.79 -22.21
CA TYR B 92 -8.76 2.24 -23.02
C TYR B 92 -9.49 3.38 -22.31
N TYR B 93 -9.89 4.38 -23.10
CA TYR B 93 -10.57 5.56 -22.59
C TYR B 93 -11.86 5.80 -23.36
N CYS B 94 -12.95 6.10 -22.62
CA CYS B 94 -14.12 6.65 -23.30
C CYS B 94 -14.01 8.18 -23.38
N LEU B 95 -14.75 8.76 -24.31
CA LEU B 95 -14.73 10.20 -24.54
C LEU B 95 -16.12 10.65 -24.96
N GLN B 96 -16.71 11.56 -24.19
CA GLN B 96 -17.89 12.28 -24.65
C GLN B 96 -17.45 13.60 -25.28
N TYR B 97 -18.06 13.94 -26.42
CA TYR B 97 -17.74 15.20 -27.09
C TYR B 97 -18.99 15.97 -27.49
N LEU B 98 -20.13 15.72 -26.83
CA LEU B 98 -21.30 16.54 -27.09
C LEU B 98 -21.13 17.95 -26.51
N SER B 99 -20.73 18.03 -25.25
CA SER B 99 -20.57 19.30 -24.52
C SER B 99 -19.12 19.36 -24.04
N SER B 100 -18.26 20.01 -24.82
CA SER B 100 -16.81 19.94 -24.64
C SER B 100 -16.35 18.47 -24.69
N TRP B 101 -15.18 18.16 -24.11
CA TRP B 101 -14.65 16.81 -24.04
C TRP B 101 -14.51 16.37 -22.60
N THR B 102 -14.87 15.12 -22.32
CA THR B 102 -14.56 14.49 -21.04
C THR B 102 -14.13 13.05 -21.27
N PHE B 103 -12.89 12.74 -20.86
CA PHE B 103 -12.39 11.38 -20.94
C PHE B 103 -12.76 10.60 -19.69
N GLY B 104 -12.98 9.30 -19.86
CA GLY B 104 -13.11 8.44 -18.71
C GLY B 104 -11.81 8.34 -17.93
N GLY B 105 -11.90 7.69 -16.76
CA GLY B 105 -10.70 7.42 -15.98
C GLY B 105 -9.71 6.50 -16.67
N GLY B 106 -10.18 5.66 -17.58
CA GLY B 106 -9.31 4.73 -18.26
C GLY B 106 -9.42 3.32 -17.68
N THR B 107 -9.09 2.34 -18.51
CA THR B 107 -9.17 0.93 -18.14
C THR B 107 -7.92 0.25 -18.65
N LYS B 108 -7.13 -0.30 -17.73
CA LYS B 108 -5.88 -0.99 -18.08
C LYS B 108 -6.12 -2.49 -18.20
N LEU B 109 -5.51 -3.09 -19.23
CA LEU B 109 -5.68 -4.51 -19.54
C LEU B 109 -4.34 -5.20 -19.37
N GLU B 110 -4.28 -6.18 -18.49
CA GLU B 110 -3.06 -6.93 -18.26
C GLU B 110 -3.30 -8.41 -18.51
N ILE B 111 -2.20 -9.16 -18.68
CA ILE B 111 -2.27 -10.62 -18.76
C ILE B 111 -2.42 -11.19 -17.36
N LYS B 112 -3.41 -12.06 -17.17
CA LYS B 112 -3.54 -12.78 -15.91
C LYS B 112 -2.61 -14.00 -15.88
N ARG B 113 -2.20 -14.37 -14.66
CA ARG B 113 -1.34 -15.52 -14.43
C ARG B 113 -1.57 -15.98 -13.00
N THR B 114 -0.94 -17.08 -12.62
CA THR B 114 -1.04 -17.52 -11.24
C THR B 114 -0.26 -16.56 -10.34
N VAL B 115 -0.73 -16.44 -9.09
CA VAL B 115 -0.06 -15.59 -8.12
C VAL B 115 1.40 -16.04 -7.96
N ALA B 116 2.27 -15.08 -7.65
CA ALA B 116 3.70 -15.34 -7.52
C ALA B 116 4.26 -14.42 -6.45
N ALA B 117 4.84 -15.02 -5.42
CA ALA B 117 5.51 -14.26 -4.38
C ALA B 117 6.79 -13.62 -4.92
N PRO B 118 7.08 -12.39 -4.51
CA PRO B 118 8.34 -11.75 -4.93
C PRO B 118 9.55 -12.36 -4.24
N SER B 119 10.68 -12.33 -4.93
CA SER B 119 11.98 -12.59 -4.32
C SER B 119 12.56 -11.27 -3.82
N VAL B 120 12.81 -11.18 -2.52
CA VAL B 120 13.20 -9.91 -1.89
C VAL B 120 14.69 -9.91 -1.59
N PHE B 121 15.38 -8.84 -1.98
CA PHE B 121 16.79 -8.59 -1.72
C PHE B 121 16.97 -7.17 -1.21
N ILE B 122 17.86 -6.99 -0.24
CA ILE B 122 18.17 -5.66 0.30
C ILE B 122 19.62 -5.34 -0.04
N PHE B 123 19.90 -4.07 -0.33
CA PHE B 123 21.22 -3.68 -0.81
C PHE B 123 21.71 -2.47 -0.01
N PRO B 124 22.81 -2.61 0.72
CA PRO B 124 23.32 -1.47 1.50
C PRO B 124 24.02 -0.48 0.60
N PRO B 125 24.26 0.74 1.07
CA PRO B 125 25.04 1.69 0.25
C PRO B 125 26.46 1.19 0.02
N SER B 126 27.07 1.66 -1.06
CA SER B 126 28.46 1.33 -1.31
C SER B 126 29.37 2.35 -0.63
N ASP B 127 30.60 1.93 -0.32
CA ASP B 127 31.58 2.83 0.26
C ASP B 127 31.88 4.00 -0.67
N GLU B 128 32.00 3.73 -1.97
CA GLU B 128 32.13 4.80 -2.96
C GLU B 128 31.05 5.86 -2.78
N GLN B 129 29.78 5.43 -2.62
CA GLN B 129 28.69 6.39 -2.51
C GLN B 129 28.80 7.23 -1.24
N LEU B 130 29.15 6.60 -0.10
CA LEU B 130 29.19 7.34 1.16
C LEU B 130 30.13 8.53 1.13
N LYS B 131 31.13 8.52 0.23
CA LYS B 131 32.09 9.62 0.15
C LYS B 131 31.43 10.93 -0.23
N SER B 132 30.29 10.89 -0.92
CA SER B 132 29.61 12.11 -1.38
C SER B 132 28.56 12.60 -0.39
N GLY B 133 28.40 11.95 0.77
CA GLY B 133 27.52 12.44 1.79
C GLY B 133 26.09 11.94 1.71
N THR B 134 25.77 11.17 0.70
CA THR B 134 24.45 10.56 0.60
C THR B 134 24.58 9.04 0.56
N ALA B 135 23.63 8.36 1.20
CA ALA B 135 23.59 6.91 1.27
C ALA B 135 22.28 6.43 0.68
N SER B 136 22.35 5.52 -0.29
CA SER B 136 21.16 4.95 -0.94
C SER B 136 21.00 3.50 -0.50
N VAL B 137 19.84 3.18 0.08
CA VAL B 137 19.50 1.81 0.47
C VAL B 137 18.39 1.32 -0.45
N VAL B 138 18.58 0.14 -1.03
CA VAL B 138 17.77 -0.33 -2.15
C VAL B 138 17.15 -1.67 -1.79
N CYS B 139 15.84 -1.76 -1.96
CA CYS B 139 15.08 -2.98 -1.74
C CYS B 139 14.48 -3.43 -3.06
N LEU B 140 14.76 -4.68 -3.44
CA LEU B 140 14.35 -5.27 -4.71
C LEU B 140 13.24 -6.28 -4.48
N LEU B 141 12.16 -6.16 -5.25
CA LEU B 141 11.06 -7.12 -5.26
C LEU B 141 10.98 -7.71 -6.66
N ASN B 142 11.38 -8.96 -6.79
CA ASN B 142 11.67 -9.59 -8.08
C ASN B 142 10.58 -10.58 -8.45
N ASN B 143 9.96 -10.35 -9.62
CA ASN B 143 9.09 -11.28 -10.34
C ASN B 143 7.90 -11.74 -9.49
N PHE B 144 6.97 -10.80 -9.29
CA PHE B 144 5.76 -11.07 -8.53
C PHE B 144 4.51 -10.71 -9.34
N TYR B 145 3.38 -11.25 -8.88
CA TYR B 145 2.07 -10.99 -9.46
C TYR B 145 1.02 -11.31 -8.42
N PRO B 146 0.00 -10.47 -8.23
CA PRO B 146 -0.34 -9.24 -8.97
C PRO B 146 0.53 -8.04 -8.60
N ARG B 147 0.21 -6.85 -9.11
CA ARG B 147 1.08 -5.69 -8.94
C ARG B 147 1.14 -5.22 -7.49
N GLU B 148 0.05 -5.36 -6.73
CA GLU B 148 -0.04 -4.76 -5.40
C GLU B 148 1.01 -5.32 -4.44
N ALA B 149 1.84 -4.44 -3.89
CA ALA B 149 2.83 -4.81 -2.88
C ALA B 149 3.11 -3.63 -1.97
N LYS B 150 3.23 -3.90 -0.66
CA LYS B 150 3.58 -2.90 0.35
C LYS B 150 5.03 -3.10 0.79
N VAL B 151 5.86 -2.08 0.61
CA VAL B 151 7.25 -2.09 1.05
C VAL B 151 7.38 -1.07 2.18
N GLN B 152 7.88 -1.54 3.32
CA GLN B 152 8.07 -0.73 4.52
C GLN B 152 9.55 -0.67 4.85
N TRP B 153 10.07 0.54 5.08
CA TRP B 153 11.47 0.71 5.43
C TRP B 153 11.60 0.93 6.93
N LYS B 154 12.52 0.19 7.55
CA LYS B 154 12.70 0.28 8.99
C LYS B 154 14.17 0.51 9.27
N VAL B 155 14.49 1.68 9.83
CA VAL B 155 15.84 1.99 10.28
C VAL B 155 15.85 1.89 11.79
N ASP B 156 16.54 0.89 12.32
CA ASP B 156 16.67 0.71 13.77
C ASP B 156 15.29 0.65 14.42
N ASN B 157 14.37 -0.06 13.74
CA ASN B 157 12.97 -0.31 14.06
C ASN B 157 12.08 0.89 13.72
N ALA B 158 12.66 2.03 13.35
CA ALA B 158 11.90 3.27 13.19
C ALA B 158 11.35 3.35 11.77
N LEU B 159 10.03 3.46 11.68
CA LEU B 159 9.35 3.46 10.39
C LEU B 159 9.69 4.71 9.57
N GLN B 160 10.20 4.51 8.36
CA GLN B 160 10.58 5.63 7.51
C GLN B 160 9.36 6.22 6.78
N SER B 161 9.44 7.51 6.47
CA SER B 161 8.35 8.19 5.80
C SER B 161 8.89 9.41 5.08
N GLY B 162 8.46 9.60 3.83
CA GLY B 162 8.84 10.78 3.09
C GLY B 162 10.20 10.71 2.43
N ASN B 163 10.97 9.65 2.63
CA ASN B 163 12.33 9.62 2.12
C ASN B 163 12.61 8.38 1.28
N SER B 164 11.61 7.90 0.54
CA SER B 164 11.82 6.78 -0.35
C SER B 164 10.99 6.96 -1.62
N GLN B 165 11.49 6.41 -2.72
CA GLN B 165 10.74 6.37 -3.97
C GLN B 165 10.76 4.94 -4.50
N GLU B 166 9.64 4.53 -5.09
CA GLU B 166 9.53 3.20 -5.68
C GLU B 166 9.55 3.31 -7.19
N SER B 167 9.76 2.17 -7.84
CA SER B 167 9.70 2.07 -9.29
C SER B 167 9.26 0.66 -9.67
N VAL B 168 8.31 0.57 -10.58
CA VAL B 168 7.75 -0.72 -11.02
C VAL B 168 8.07 -0.91 -12.48
N THR B 169 8.50 -2.11 -12.85
CA THR B 169 8.58 -2.45 -14.26
C THR B 169 7.18 -2.63 -14.86
N GLU B 170 7.11 -2.63 -16.18
CA GLU B 170 5.89 -3.05 -16.84
C GLU B 170 5.75 -4.57 -16.73
N GLN B 171 4.51 -5.05 -16.89
CA GLN B 171 4.27 -6.49 -16.88
C GLN B 171 5.19 -7.18 -17.88
N ASP B 172 5.96 -8.15 -17.40
CA ASP B 172 6.96 -8.80 -18.24
C ASP B 172 6.31 -9.52 -19.41
N SER B 173 6.88 -9.35 -20.61
CA SER B 173 6.29 -9.91 -21.81
C SER B 173 6.49 -11.43 -21.97
N LYS B 174 7.32 -12.05 -21.13
CA LYS B 174 7.52 -13.49 -21.20
C LYS B 174 6.90 -14.26 -20.06
N ASP B 175 6.96 -13.74 -18.83
CA ASP B 175 6.40 -14.46 -17.69
C ASP B 175 5.39 -13.62 -16.91
N SER B 176 4.90 -12.53 -17.49
CA SER B 176 3.71 -11.82 -17.01
C SER B 176 3.84 -11.28 -15.57
N THR B 177 5.06 -11.12 -15.05
CA THR B 177 5.26 -10.63 -13.70
C THR B 177 5.69 -9.16 -13.70
N TYR B 178 5.69 -8.57 -12.51
CA TYR B 178 6.21 -7.24 -12.27
C TYR B 178 7.42 -7.33 -11.36
N SER B 179 8.25 -6.28 -11.38
CA SER B 179 9.32 -6.10 -10.41
C SER B 179 9.34 -4.67 -9.89
N LEU B 180 9.78 -4.53 -8.65
CA LEU B 180 9.71 -3.27 -7.93
C LEU B 180 11.02 -3.01 -7.20
N SER B 181 11.56 -1.82 -7.41
CA SER B 181 12.64 -1.32 -6.59
C SER B 181 12.07 -0.30 -5.62
N SER B 182 12.59 -0.29 -4.39
CA SER B 182 12.36 0.81 -3.48
C SER B 182 13.69 1.33 -2.97
N THR B 183 13.85 2.65 -2.98
CA THR B 183 15.13 3.27 -2.66
C THR B 183 14.95 4.29 -1.56
N LEU B 184 15.53 3.99 -0.41
CA LEU B 184 15.54 4.86 0.74
C LEU B 184 16.76 5.77 0.65
N THR B 185 16.55 7.08 0.75
CA THR B 185 17.63 8.05 0.64
C THR B 185 17.90 8.65 2.01
N LEU B 186 19.14 8.53 2.47
CA LEU B 186 19.59 9.03 3.76
C LEU B 186 20.85 9.88 3.56
N SER B 187 21.14 10.71 4.55
CA SER B 187 22.43 11.38 4.57
C SER B 187 23.45 10.46 5.24
N LYS B 188 24.72 10.61 4.84
CA LYS B 188 25.79 9.85 5.47
C LYS B 188 25.77 9.96 6.99
N ALA B 189 25.39 11.12 7.54
CA ALA B 189 25.41 11.26 8.99
C ALA B 189 24.23 10.54 9.64
N ASP B 190 23.07 10.58 9.00
CA ASP B 190 21.96 9.80 9.52
C ASP B 190 22.25 8.30 9.37
N TYR B 191 22.78 7.90 8.20
CA TYR B 191 23.03 6.49 7.92
C TYR B 191 23.94 5.86 8.96
N GLU B 192 24.94 6.60 9.44
CA GLU B 192 25.84 6.07 10.45
C GLU B 192 25.34 6.27 11.87
N LYS B 193 24.32 7.10 12.06
CA LYS B 193 23.65 7.17 13.35
C LYS B 193 23.00 5.84 13.74
N HIS B 194 22.73 4.95 12.77
CA HIS B 194 21.91 3.77 13.04
C HIS B 194 22.59 2.48 12.56
N LYS B 195 22.03 1.36 13.02
CA LYS B 195 22.60 0.04 12.85
C LYS B 195 21.79 -0.86 11.92
N VAL B 196 20.52 -1.14 12.21
CA VAL B 196 19.77 -2.21 11.55
C VAL B 196 18.87 -1.62 10.45
N TYR B 197 19.21 -1.87 9.19
CA TYR B 197 18.38 -1.42 8.06
C TYR B 197 17.55 -2.59 7.56
N ALA B 198 16.23 -2.43 7.59
CA ALA B 198 15.31 -3.51 7.28
C ALA B 198 14.34 -3.07 6.18
N CYS B 199 13.99 -4.01 5.31
CA CYS B 199 12.98 -3.80 4.29
C CYS B 199 11.91 -4.86 4.52
N GLU B 200 10.65 -4.43 4.67
CA GLU B 200 9.57 -5.32 5.06
C GLU B 200 8.51 -5.33 3.97
N VAL B 201 8.20 -6.52 3.45
CA VAL B 201 7.48 -6.65 2.19
C VAL B 201 6.19 -7.42 2.43
N THR B 202 5.09 -6.86 1.96
CA THR B 202 3.78 -7.49 2.05
C THR B 202 3.23 -7.74 0.66
N HIS B 203 2.71 -8.93 0.43
CA HIS B 203 2.23 -9.31 -0.89
C HIS B 203 1.26 -10.46 -0.76
N GLN B 204 0.32 -10.51 -1.70
CA GLN B 204 -0.67 -11.56 -1.78
C GLN B 204 -0.04 -12.94 -1.64
N GLY B 205 1.11 -13.16 -2.29
CA GLY B 205 1.73 -14.47 -2.41
C GLY B 205 2.54 -14.94 -1.21
N LEU B 206 2.84 -14.06 -0.26
CA LEU B 206 3.58 -14.42 0.94
C LEU B 206 2.60 -14.79 2.05
N SER B 207 2.81 -15.95 2.68
CA SER B 207 2.01 -16.37 3.83
C SER B 207 1.92 -15.26 4.87
N SER B 208 3.04 -14.60 5.15
CA SER B 208 3.10 -13.47 6.05
C SER B 208 4.17 -12.54 5.50
N PRO B 209 4.27 -11.31 6.04
CA PRO B 209 5.27 -10.37 5.53
C PRO B 209 6.69 -10.92 5.65
N VAL B 210 7.54 -10.46 4.73
CA VAL B 210 8.93 -10.90 4.62
C VAL B 210 9.85 -9.71 4.88
N THR B 211 10.81 -9.88 5.77
CA THR B 211 11.80 -8.84 6.05
C THR B 211 13.17 -9.32 5.58
N LYS B 212 13.83 -8.47 4.82
CA LYS B 212 15.25 -8.64 4.51
C LYS B 212 15.99 -7.49 5.17
N SER B 213 17.09 -7.78 5.85
CA SER B 213 17.76 -6.76 6.65
C SER B 213 19.26 -6.96 6.59
N PHE B 214 20.00 -5.94 7.03
CA PHE B 214 21.45 -6.01 7.20
C PHE B 214 21.87 -5.03 8.29
N ASN B 215 23.00 -5.33 8.93
CA ASN B 215 23.61 -4.46 9.93
C ASN B 215 24.72 -3.64 9.29
N ARG B 216 24.59 -2.31 9.35
CA ARG B 216 25.63 -1.41 8.87
C ARG B 216 27.00 -1.82 9.40
N GLY B 217 27.91 -2.15 8.50
CA GLY B 217 29.26 -2.50 8.86
C GLY B 217 29.53 -3.97 8.99
N GLU B 218 28.52 -4.82 8.94
CA GLU B 218 28.71 -6.22 9.26
C GLU B 218 28.36 -7.11 8.09
N GLN C 1 2.16 -21.50 44.72
CA GLN C 1 2.24 -21.72 43.28
C GLN C 1 3.15 -20.68 42.64
N ILE C 2 3.68 -21.03 41.49
CA ILE C 2 4.59 -20.17 40.77
C ILE C 2 3.80 -19.10 40.02
N GLN C 3 4.31 -17.87 40.01
CA GLN C 3 3.76 -16.88 39.09
C GLN C 3 4.72 -15.73 38.90
N LEU C 4 4.64 -15.12 37.73
CA LEU C 4 5.27 -13.84 37.41
C LEU C 4 4.19 -12.78 37.36
N VAL C 5 4.44 -11.65 38.00
CA VAL C 5 3.47 -10.55 38.05
C VAL C 5 4.20 -9.29 37.60
N GLN C 6 3.61 -8.58 36.65
CA GLN C 6 4.26 -7.44 36.03
C GLN C 6 3.63 -6.15 36.53
N SER C 7 4.40 -5.06 36.44
CA SER C 7 3.83 -3.75 36.73
C SER C 7 2.83 -3.35 35.66
N GLY C 8 1.92 -2.44 36.03
CA GLY C 8 0.78 -2.14 35.19
C GLY C 8 1.06 -1.17 34.04
N PRO C 9 -0.01 -0.77 33.35
CA PRO C 9 0.13 0.01 32.10
C PRO C 9 0.88 1.32 32.30
N GLU C 10 1.44 1.82 31.19
CA GLU C 10 2.20 3.06 31.19
C GLU C 10 1.86 3.86 29.95
N LEU C 11 1.68 5.17 30.11
CA LEU C 11 1.52 6.10 29.00
C LEU C 11 2.75 6.99 28.96
N LYS C 12 3.44 7.04 27.83
CA LYS C 12 4.72 7.71 27.80
C LYS C 12 4.84 8.62 26.59
N LYS C 13 5.57 9.69 26.76
CA LYS C 13 5.90 10.59 25.69
C LYS C 13 7.17 10.12 25.00
N PRO C 14 7.30 10.41 23.72
CA PRO C 14 8.55 10.07 23.01
C PRO C 14 9.76 10.66 23.71
N GLY C 15 10.81 9.86 23.84
CA GLY C 15 12.03 10.29 24.48
C GLY C 15 12.09 10.08 25.98
N GLU C 16 11.02 9.61 26.62
CA GLU C 16 11.00 9.33 28.05
C GLU C 16 11.54 7.91 28.31
N THR C 17 11.50 7.49 29.57
CA THR C 17 11.89 6.14 29.95
C THR C 17 10.72 5.43 30.61
N VAL C 18 10.64 4.12 30.41
CA VAL C 18 9.71 3.27 31.15
C VAL C 18 10.50 2.14 31.78
N LYS C 19 10.15 1.79 33.01
CA LYS C 19 10.73 0.64 33.69
C LYS C 19 9.63 -0.32 34.09
N ILE C 20 9.67 -1.52 33.52
CA ILE C 20 8.67 -2.56 33.78
C ILE C 20 9.24 -3.57 34.76
N SER C 21 8.51 -3.87 35.81
CA SER C 21 8.96 -4.91 36.73
C SER C 21 8.29 -6.23 36.41
N CYS C 22 8.91 -7.30 36.92
CA CYS C 22 8.43 -8.67 36.79
C CYS C 22 8.82 -9.35 38.10
N LYS C 23 7.84 -9.50 38.99
CA LYS C 23 8.02 -10.12 40.30
C LYS C 23 7.75 -11.62 40.18
N ALA C 24 8.69 -12.42 40.67
CA ALA C 24 8.54 -13.88 40.64
C ALA C 24 8.37 -14.40 42.05
N SER C 25 7.51 -15.42 42.18
CA SER C 25 7.28 -16.10 43.43
C SER C 25 7.10 -17.60 43.17
N GLY C 26 7.41 -18.40 44.20
CA GLY C 26 7.11 -19.81 44.17
C GLY C 26 8.25 -20.70 43.75
N TYR C 27 9.43 -20.14 43.47
CA TYR C 27 10.55 -20.94 43.01
C TYR C 27 11.85 -20.19 43.28
N THR C 28 12.97 -20.90 43.18
CA THR C 28 14.30 -20.31 43.42
C THR C 28 14.69 -19.42 42.25
N PHE C 29 14.71 -18.10 42.48
CA PHE C 29 14.81 -17.11 41.41
C PHE C 29 16.10 -17.25 40.61
N LYS C 30 17.22 -17.52 41.27
CA LYS C 30 18.55 -17.47 40.67
C LYS C 30 18.82 -18.63 39.73
N ASN C 31 17.94 -19.62 39.66
CA ASN C 31 18.17 -20.86 38.92
C ASN C 31 17.47 -20.91 37.57
N TYR C 32 16.70 -19.88 37.21
CA TYR C 32 15.96 -19.89 35.96
C TYR C 32 16.13 -18.53 35.31
N GLY C 33 16.71 -18.51 34.12
CA GLY C 33 16.85 -17.25 33.40
C GLY C 33 15.51 -16.67 33.02
N MET C 34 15.53 -15.38 32.71
CA MET C 34 14.31 -14.63 32.41
C MET C 34 14.36 -14.16 30.97
N ASN C 35 13.25 -14.35 30.25
CA ASN C 35 13.11 -13.87 28.88
C ASN C 35 12.15 -12.69 28.85
N TRP C 36 12.43 -11.75 27.94
CA TRP C 36 11.54 -10.63 27.69
C TRP C 36 10.99 -10.75 26.28
N VAL C 37 9.68 -10.60 26.13
CA VAL C 37 9.00 -10.72 24.84
C VAL C 37 8.15 -9.49 24.56
N LYS C 38 8.23 -9.00 23.32
CA LYS C 38 7.48 -7.85 22.88
C LYS C 38 6.38 -8.28 21.93
N GLN C 39 5.19 -7.70 22.10
CA GLN C 39 4.08 -7.89 21.18
C GLN C 39 3.47 -6.55 20.78
N ALA C 40 3.86 -6.07 19.61
CA ALA C 40 3.31 -4.83 19.10
C ALA C 40 1.83 -5.04 18.74
N PRO C 41 1.02 -3.96 18.73
CA PRO C 41 -0.42 -4.11 18.46
C PRO C 41 -0.73 -4.88 17.18
N GLY C 42 -1.35 -6.05 17.32
CA GLY C 42 -1.79 -6.86 16.19
C GLY C 42 -0.71 -7.71 15.55
N LYS C 43 0.51 -7.71 16.08
CA LYS C 43 1.59 -8.48 15.50
C LYS C 43 1.87 -9.68 16.39
N GLY C 44 2.94 -10.39 16.07
CA GLY C 44 3.27 -11.61 16.79
C GLY C 44 4.22 -11.37 17.95
N LEU C 45 4.59 -12.46 18.60
CA LEU C 45 5.55 -12.46 19.67
C LEU C 45 6.97 -12.33 19.12
N LYS C 46 7.72 -11.34 19.63
CA LYS C 46 9.13 -11.16 19.28
C LYS C 46 9.99 -11.34 20.52
N TRP C 47 11.02 -12.19 20.43
CA TRP C 47 11.91 -12.40 21.57
C TRP C 47 12.91 -11.23 21.66
N MET C 48 12.98 -10.58 22.83
CA MET C 48 13.85 -9.41 22.95
C MET C 48 15.23 -9.74 23.51
N GLY C 49 15.33 -10.75 24.35
CA GLY C 49 16.58 -11.14 24.95
C GLY C 49 16.33 -11.93 26.22
N TRP C 50 17.41 -12.12 26.97
CA TRP C 50 17.42 -13.05 28.09
C TRP C 50 18.43 -12.53 29.10
N ILE C 51 18.06 -12.60 30.38
CA ILE C 51 18.98 -12.29 31.47
C ILE C 51 19.24 -13.55 32.27
N ASN C 52 20.53 -13.82 32.49
CA ASN C 52 20.98 -14.82 33.46
C ASN C 52 20.62 -14.31 34.85
N THR C 53 19.72 -15.02 35.55
CA THR C 53 19.30 -14.55 36.86
C THR C 53 20.30 -14.85 37.97
N TYR C 54 21.29 -15.69 37.71
CA TYR C 54 22.28 -15.91 38.74
C TYR C 54 23.40 -14.87 38.64
N THR C 55 23.96 -14.68 37.45
CA THR C 55 25.08 -13.76 37.28
C THR C 55 24.65 -12.32 37.06
N GLY C 56 23.43 -12.09 36.58
CA GLY C 56 23.04 -10.77 36.14
C GLY C 56 23.37 -10.43 34.70
N GLN C 57 23.80 -11.40 33.92
CA GLN C 57 24.30 -11.01 32.60
C GLN C 57 23.19 -11.07 31.56
N PRO C 58 22.99 -10.00 30.79
CA PRO C 58 21.92 -10.00 29.81
C PRO C 58 22.41 -10.30 28.41
N ILE C 59 21.56 -10.90 27.57
CA ILE C 59 21.84 -11.06 26.16
C ILE C 59 20.68 -10.46 25.37
N TYR C 60 21.00 -9.55 24.45
CA TYR C 60 20.00 -8.83 23.68
C TYR C 60 19.93 -9.40 22.27
N ALA C 61 18.71 -9.56 21.77
CA ALA C 61 18.47 -9.88 20.37
C ALA C 61 18.87 -8.70 19.49
N ASN C 62 19.17 -9.00 18.22
CA ASN C 62 19.72 -8.00 17.29
C ASN C 62 18.89 -6.71 17.21
N ASP C 63 17.58 -6.80 17.40
CA ASP C 63 16.73 -5.64 17.20
C ASP C 63 16.62 -4.76 18.43
N PHE C 64 17.26 -5.14 19.53
CA PHE C 64 17.06 -4.54 20.85
C PHE C 64 18.40 -4.23 21.53
N LYS C 65 19.34 -3.68 20.76
CA LYS C 65 20.63 -3.24 21.28
C LYS C 65 20.59 -1.73 21.37
N GLY C 66 21.12 -1.19 22.47
CA GLY C 66 21.07 0.22 22.71
C GLY C 66 20.10 0.63 23.81
N ARG C 67 18.80 0.74 23.49
CA ARG C 67 17.85 1.41 24.37
C ARG C 67 17.17 0.48 25.37
N PHE C 68 17.66 -0.74 25.53
CA PHE C 68 16.97 -1.75 26.32
C PHE C 68 17.94 -2.28 27.36
N ALA C 69 17.51 -2.31 28.61
CA ALA C 69 18.40 -2.71 29.69
C ALA C 69 17.67 -3.68 30.60
N PHE C 70 18.05 -4.95 30.52
CA PHE C 70 17.60 -5.91 31.52
C PHE C 70 18.39 -5.70 32.80
N SER C 71 17.70 -5.71 33.93
CA SER C 71 18.35 -5.62 35.22
C SER C 71 17.59 -6.50 36.20
N LEU C 72 18.22 -6.79 37.31
CA LEU C 72 17.53 -7.59 38.30
C LEU C 72 17.92 -7.12 39.69
N GLU C 73 17.08 -7.51 40.63
CA GLU C 73 17.25 -7.23 42.05
C GLU C 73 16.90 -8.55 42.74
N THR C 74 17.91 -9.41 42.87
CA THR C 74 17.68 -10.80 43.25
C THR C 74 17.00 -10.92 44.62
N SER C 75 17.27 -9.99 45.53
CA SER C 75 16.74 -10.12 46.88
C SER C 75 15.22 -10.01 46.89
N ALA C 76 14.64 -9.33 45.91
CA ALA C 76 13.19 -9.23 45.76
C ALA C 76 12.65 -10.04 44.60
N SER C 77 13.46 -10.93 44.02
CA SER C 77 13.00 -11.84 42.97
C SER C 77 12.33 -11.08 41.84
N THR C 78 12.85 -9.91 41.52
CA THR C 78 12.28 -9.08 40.47
C THR C 78 13.28 -8.90 39.34
N ALA C 79 12.82 -9.17 38.12
CA ALA C 79 13.52 -8.78 36.91
C ALA C 79 12.89 -7.51 36.35
N TYR C 80 13.70 -6.70 35.69
CA TYR C 80 13.29 -5.37 35.23
C TYR C 80 13.61 -5.23 33.75
N LEU C 81 12.72 -4.54 33.05
CA LEU C 81 12.95 -4.13 31.67
C LEU C 81 12.90 -2.61 31.65
N GLN C 82 14.00 -1.99 31.24
CA GLN C 82 14.08 -0.55 31.09
C GLN C 82 14.27 -0.22 29.62
N ILE C 83 13.49 0.72 29.12
CA ILE C 83 13.56 1.20 27.75
C ILE C 83 13.78 2.70 27.80
N ASN C 84 14.89 3.16 27.23
CA ASN C 84 15.22 4.58 27.20
C ASN C 84 14.88 5.17 25.83
N ASN C 85 14.78 6.51 25.80
CA ASN C 85 14.48 7.27 24.59
C ASN C 85 13.34 6.63 23.81
N LEU C 86 12.15 6.65 24.42
CA LEU C 86 11.04 5.89 23.86
C LEU C 86 10.70 6.37 22.45
N LYS C 87 10.62 5.42 21.53
CA LYS C 87 10.30 5.64 20.12
C LYS C 87 8.84 5.26 19.88
N ASN C 88 8.23 5.87 18.86
CA ASN C 88 6.85 5.54 18.59
C ASN C 88 6.64 4.06 18.27
N GLU C 89 7.68 3.37 17.84
CA GLU C 89 7.57 1.95 17.55
C GLU C 89 7.77 1.07 18.78
N ASP C 90 8.03 1.67 19.95
CA ASP C 90 8.09 0.90 21.19
C ASP C 90 6.71 0.61 21.76
N THR C 91 5.66 1.24 21.24
CA THR C 91 4.29 0.99 21.71
C THR C 91 3.90 -0.48 21.47
N ALA C 92 3.57 -1.19 22.55
CA ALA C 92 3.48 -2.65 22.53
C ALA C 92 3.17 -3.16 23.93
N THR C 93 2.84 -4.44 24.02
CA THR C 93 2.73 -5.14 25.29
C THR C 93 3.98 -5.99 25.52
N TYR C 94 4.58 -5.84 26.70
CA TYR C 94 5.80 -6.57 27.02
C TYR C 94 5.51 -7.64 28.05
N PHE C 95 6.16 -8.79 27.87
CA PHE C 95 5.99 -9.95 28.72
C PHE C 95 7.34 -10.39 29.26
N CYS C 96 7.39 -10.76 30.53
CA CYS C 96 8.50 -11.60 30.96
C CYS C 96 8.05 -13.06 30.88
N ALA C 97 9.00 -13.96 30.63
CA ALA C 97 8.67 -15.38 30.50
C ALA C 97 9.83 -16.21 31.00
N ARG C 98 9.59 -17.04 32.02
CA ARG C 98 10.67 -17.81 32.63
C ARG C 98 11.10 -18.97 31.75
N ASP C 99 12.38 -19.30 31.83
CA ASP C 99 12.87 -20.55 31.25
C ASP C 99 12.17 -21.76 31.88
N TRP C 100 11.90 -22.77 31.03
CA TRP C 100 11.37 -24.10 31.39
C TRP C 100 9.96 -24.04 31.97
N GLY C 101 8.97 -24.44 31.18
CA GLY C 101 7.62 -24.49 31.67
C GLY C 101 6.74 -23.42 31.07
N PRO C 102 5.60 -23.20 31.72
CA PRO C 102 4.56 -22.34 31.13
C PRO C 102 4.48 -20.93 31.72
N TYR C 103 5.47 -20.48 32.49
CA TYR C 103 5.31 -19.31 33.34
C TYR C 103 5.59 -18.01 32.59
N TRP C 104 4.60 -17.11 32.66
CA TRP C 104 4.58 -15.86 31.93
C TRP C 104 4.00 -14.77 32.82
N GLY C 105 4.49 -13.55 32.67
CA GLY C 105 3.81 -12.43 33.26
C GLY C 105 2.56 -12.10 32.48
N GLN C 106 1.66 -11.34 33.10
CA GLN C 106 0.36 -11.05 32.51
C GLN C 106 0.44 -10.01 31.40
N GLY C 107 1.59 -9.40 31.17
CA GLY C 107 1.68 -8.39 30.15
C GLY C 107 1.66 -7.00 30.72
N THR C 108 2.49 -6.12 30.17
CA THR C 108 2.54 -4.73 30.54
C THR C 108 2.36 -3.92 29.26
N LEU C 109 1.27 -3.15 29.20
CA LEU C 109 0.98 -2.33 28.03
C LEU C 109 1.71 -0.99 28.13
N VAL C 110 2.52 -0.68 27.12
CA VAL C 110 3.22 0.60 27.01
C VAL C 110 2.70 1.31 25.75
N ILE C 111 2.14 2.51 25.91
CA ILE C 111 1.73 3.34 24.79
C ILE C 111 2.58 4.60 24.79
N VAL C 112 3.20 4.88 23.66
CA VAL C 112 4.08 6.03 23.49
C VAL C 112 3.35 7.02 22.58
N SER C 113 3.12 8.23 23.10
CA SER C 113 2.38 9.25 22.38
C SER C 113 2.80 10.64 22.83
N ALA C 114 2.90 11.56 21.89
CA ALA C 114 3.14 12.97 22.22
C ALA C 114 1.95 13.62 22.93
N ALA C 115 0.74 13.11 22.72
CA ALA C 115 -0.49 13.70 23.24
C ALA C 115 -0.56 13.59 24.77
N SER C 116 -1.33 14.49 25.36
CA SER C 116 -1.81 14.35 26.73
C SER C 116 -3.34 14.28 26.69
N THR C 117 -3.95 14.02 27.85
CA THR C 117 -5.38 13.76 27.93
C THR C 117 -6.18 14.80 27.14
N LYS C 118 -7.12 14.32 26.32
CA LYS C 118 -7.88 15.18 25.42
C LYS C 118 -9.13 14.46 24.89
N GLY C 119 -10.30 15.09 25.01
CA GLY C 119 -11.54 14.48 24.59
C GLY C 119 -11.76 14.53 23.09
N PRO C 120 -12.68 13.70 22.59
CA PRO C 120 -12.87 13.58 21.15
C PRO C 120 -13.74 14.67 20.58
N SER C 121 -13.52 14.93 19.29
CA SER C 121 -14.48 15.63 18.45
C SER C 121 -15.30 14.60 17.70
N VAL C 122 -16.58 14.91 17.49
CA VAL C 122 -17.52 13.95 16.93
C VAL C 122 -18.17 14.59 15.72
N PHE C 123 -17.99 14.00 14.56
CA PHE C 123 -18.60 14.51 13.35
C PHE C 123 -19.55 13.49 12.75
N PRO C 124 -20.59 13.93 12.05
CA PRO C 124 -21.59 12.99 11.53
C PRO C 124 -21.13 12.34 10.24
N LEU C 125 -21.33 11.03 10.16
CA LEU C 125 -21.25 10.32 8.88
C LEU C 125 -22.68 10.23 8.35
N ALA C 126 -23.02 11.16 7.45
CA ALA C 126 -24.41 11.38 7.09
C ALA C 126 -24.90 10.34 6.08
N PRO C 127 -26.06 9.73 6.29
CA PRO C 127 -26.61 8.81 5.29
C PRO C 127 -26.73 9.48 3.94
N SER C 128 -26.53 8.68 2.89
CA SER C 128 -26.41 9.11 1.49
C SER C 128 -27.71 9.72 0.95
N SER C 129 -27.56 10.50 -0.13
CA SER C 129 -28.60 11.29 -0.83
C SER C 129 -29.90 11.52 -0.06
N GLY C 135 -34.87 0.08 0.90
CA GLY C 135 -33.46 -0.26 1.01
C GLY C 135 -32.82 -0.09 2.40
N THR C 136 -31.54 -0.42 2.50
CA THR C 136 -30.77 -0.26 3.73
C THR C 136 -29.77 0.89 3.57
N ALA C 137 -29.72 1.78 4.55
CA ALA C 137 -28.79 2.90 4.54
C ALA C 137 -27.80 2.75 5.68
N ALA C 138 -26.75 3.55 5.65
CA ALA C 138 -25.71 3.47 6.66
C ALA C 138 -25.36 4.88 7.11
N LEU C 139 -25.35 5.10 8.42
CA LEU C 139 -24.93 6.36 8.98
C LEU C 139 -23.92 6.07 10.07
N GLY C 140 -23.22 7.11 10.52
CA GLY C 140 -22.25 6.88 11.58
C GLY C 140 -21.71 8.15 12.19
N CYS C 141 -20.70 7.95 13.04
CA CYS C 141 -20.06 8.98 13.83
C CYS C 141 -18.56 8.78 13.73
N LEU C 142 -17.86 9.82 13.29
CA LEU C 142 -16.41 9.86 13.39
C LEU C 142 -16.05 10.41 14.75
N VAL C 143 -15.21 9.68 15.50
CA VAL C 143 -14.80 10.06 16.86
C VAL C 143 -13.30 10.29 16.85
N LYS C 144 -12.90 11.56 16.92
CA LYS C 144 -11.59 12.00 16.46
C LYS C 144 -10.80 12.79 17.50
N ASP C 145 -9.48 12.62 17.46
CA ASP C 145 -8.54 13.50 18.15
C ASP C 145 -8.69 13.43 19.67
N TYR C 146 -8.63 12.23 20.23
CA TYR C 146 -8.70 12.04 21.67
C TYR C 146 -7.52 11.19 22.16
N PHE C 147 -7.28 11.27 23.47
CA PHE C 147 -6.25 10.49 24.15
C PHE C 147 -6.52 10.54 25.64
N PRO C 148 -6.41 9.41 26.37
CA PRO C 148 -6.07 8.11 25.81
C PRO C 148 -7.31 7.24 25.65
N GLU C 149 -7.11 5.98 25.27
CA GLU C 149 -8.20 5.02 25.24
C GLU C 149 -8.80 4.86 26.64
N PRO C 150 -10.09 4.51 26.73
CA PRO C 150 -10.99 4.30 25.59
C PRO C 150 -12.14 5.29 25.50
N VAL C 151 -12.90 5.22 24.41
CA VAL C 151 -14.19 5.88 24.33
C VAL C 151 -15.27 4.81 24.33
N THR C 152 -16.48 5.20 24.70
CA THR C 152 -17.66 4.37 24.56
C THR C 152 -18.64 5.07 23.63
N VAL C 153 -18.93 4.44 22.50
CA VAL C 153 -19.93 4.89 21.57
C VAL C 153 -21.15 4.01 21.75
N SER C 154 -22.27 4.59 22.09
CA SER C 154 -23.53 3.90 21.90
C SER C 154 -24.43 4.75 21.01
N TRP C 155 -25.54 4.15 20.60
CA TRP C 155 -26.48 4.74 19.66
C TRP C 155 -27.85 4.85 20.32
N ASN C 156 -28.49 6.00 20.14
CA ASN C 156 -29.79 6.27 20.76
C ASN C 156 -29.82 5.89 22.24
N SER C 157 -28.77 6.28 22.96
CA SER C 157 -28.62 6.00 24.39
C SER C 157 -28.55 4.51 24.69
N GLY C 158 -28.08 3.72 23.71
CA GLY C 158 -27.93 2.29 23.89
C GLY C 158 -29.09 1.44 23.40
N ALA C 159 -30.20 2.03 22.97
CA ALA C 159 -31.32 1.24 22.48
C ALA C 159 -31.12 0.72 21.07
N LEU C 160 -30.12 1.22 20.34
CA LEU C 160 -29.83 0.76 18.98
C LEU C 160 -28.52 -0.02 18.97
N THR C 161 -28.62 -1.33 18.82
CA THR C 161 -27.46 -2.21 18.75
C THR C 161 -27.41 -3.03 17.48
N SER C 162 -28.56 -3.41 16.95
CA SER C 162 -28.65 -4.18 15.72
C SER C 162 -27.94 -3.45 14.58
N GLY C 163 -26.95 -4.11 13.97
CA GLY C 163 -26.23 -3.52 12.86
C GLY C 163 -25.15 -2.51 13.20
N VAL C 164 -24.82 -2.31 14.49
CA VAL C 164 -23.79 -1.35 14.89
C VAL C 164 -22.41 -2.00 14.82
N HIS C 165 -21.46 -1.30 14.24
CA HIS C 165 -20.07 -1.72 14.25
C HIS C 165 -19.25 -0.56 14.79
N THR C 166 -18.47 -0.81 15.83
CA THR C 166 -17.55 0.20 16.32
C THR C 166 -16.13 -0.29 16.05
N PHE C 167 -15.43 0.43 15.19
CA PHE C 167 -14.13 0.00 14.73
C PHE C 167 -13.08 0.20 15.82
N PRO C 168 -12.01 -0.58 15.79
CA PRO C 168 -10.92 -0.37 16.76
C PRO C 168 -10.22 0.94 16.48
N ALA C 169 -10.03 1.75 17.52
CA ALA C 169 -9.30 3.00 17.42
C ALA C 169 -7.94 2.79 16.76
N VAL C 170 -7.47 3.80 16.04
CA VAL C 170 -6.12 3.82 15.50
C VAL C 170 -5.36 5.04 16.03
N LEU C 171 -4.08 4.85 16.37
CA LEU C 171 -3.22 5.96 16.77
C LEU C 171 -2.74 6.70 15.54
N GLN C 172 -3.04 7.98 15.47
CA GLN C 172 -2.59 8.78 14.34
C GLN C 172 -1.19 9.33 14.62
N SER C 173 -0.62 9.97 13.59
CA SER C 173 0.74 10.45 13.74
C SER C 173 0.86 11.57 14.76
N SER C 174 -0.25 12.17 15.18
CA SER C 174 -0.21 13.22 16.20
C SER C 174 -0.17 12.69 17.62
N GLY C 175 -0.21 11.36 17.79
CA GLY C 175 -0.47 10.75 19.08
C GLY C 175 -1.92 10.76 19.51
N LEU C 176 -2.84 11.15 18.64
CA LEU C 176 -4.25 11.17 19.00
C LEU C 176 -4.96 10.01 18.31
N TYR C 177 -5.88 9.38 19.05
CA TYR C 177 -6.63 8.26 18.52
C TYR C 177 -7.79 8.75 17.65
N SER C 178 -8.36 7.83 16.87
CA SER C 178 -9.59 8.12 16.14
C SER C 178 -10.24 6.81 15.74
N LEU C 179 -11.56 6.81 15.66
CA LEU C 179 -12.29 5.65 15.14
C LEU C 179 -13.59 6.12 14.49
N SER C 180 -14.35 5.15 13.98
CA SER C 180 -15.71 5.41 13.53
C SER C 180 -16.65 4.39 14.14
N SER C 181 -17.87 4.83 14.38
CA SER C 181 -18.97 3.95 14.73
C SER C 181 -20.06 4.12 13.67
N VAL C 182 -20.58 3.00 13.16
CA VAL C 182 -21.50 2.99 12.04
C VAL C 182 -22.67 2.06 12.35
N VAL C 183 -23.75 2.26 11.63
CA VAL C 183 -24.92 1.43 11.80
C VAL C 183 -25.71 1.48 10.51
N THR C 184 -26.22 0.33 10.10
CA THR C 184 -27.09 0.24 8.95
C THR C 184 -28.53 0.23 9.43
N VAL C 185 -29.38 0.99 8.75
CA VAL C 185 -30.78 1.12 9.14
C VAL C 185 -31.62 1.13 7.87
N PRO C 186 -32.92 0.84 7.98
CA PRO C 186 -33.75 0.84 6.78
C PRO C 186 -33.90 2.27 6.28
N SER C 187 -33.63 2.49 4.98
CA SER C 187 -33.57 3.87 4.51
C SER C 187 -34.93 4.56 4.58
N SER C 188 -36.01 3.80 4.71
CA SER C 188 -37.32 4.42 4.92
C SER C 188 -37.40 5.16 6.24
N SER C 189 -36.62 4.75 7.24
CA SER C 189 -36.72 5.45 8.52
C SER C 189 -35.97 6.79 8.54
N LEU C 190 -35.23 7.13 7.49
CA LEU C 190 -34.44 8.35 7.54
C LEU C 190 -35.33 9.59 7.54
N GLY C 191 -34.96 10.58 8.34
CA GLY C 191 -35.77 11.79 8.47
C GLY C 191 -37.12 11.60 9.15
N THR C 192 -37.44 10.38 9.58
CA THR C 192 -38.55 10.13 10.49
C THR C 192 -38.11 9.50 11.80
N GLN C 193 -36.85 9.04 11.90
CA GLN C 193 -36.30 8.40 13.10
C GLN C 193 -34.96 9.03 13.44
N THR C 194 -34.83 9.53 14.68
CA THR C 194 -33.65 10.27 15.10
C THR C 194 -32.55 9.30 15.49
N TYR C 195 -31.35 9.53 14.97
CA TYR C 195 -30.21 8.68 15.24
C TYR C 195 -29.14 9.54 15.88
N ILE C 196 -28.85 9.25 17.15
CA ILE C 196 -27.87 10.00 17.92
C ILE C 196 -26.82 9.03 18.38
N CYS C 197 -25.56 9.33 18.14
CA CYS C 197 -24.48 8.58 18.77
C CYS C 197 -24.05 9.29 20.05
N ASN C 198 -23.77 8.49 21.08
CA ASN C 198 -23.38 9.01 22.39
C ASN C 198 -21.94 8.59 22.63
N VAL C 199 -21.07 9.59 22.79
CA VAL C 199 -19.64 9.35 22.93
C VAL C 199 -19.26 9.72 24.35
N ASN C 200 -18.66 8.78 25.06
CA ASN C 200 -18.16 9.00 26.40
C ASN C 200 -16.65 8.77 26.39
N HIS C 201 -15.90 9.75 26.93
CA HIS C 201 -14.45 9.63 27.10
C HIS C 201 -14.14 9.97 28.56
N LYS C 202 -14.30 8.96 29.43
CA LYS C 202 -14.09 9.17 30.86
C LYS C 202 -12.71 9.70 31.27
N PRO C 203 -11.59 9.38 30.60
CA PRO C 203 -10.33 9.95 31.05
C PRO C 203 -10.33 11.48 31.09
N SER C 204 -11.06 12.12 30.20
CA SER C 204 -11.17 13.58 30.15
C SER C 204 -12.56 14.07 30.52
N ASN C 205 -13.44 13.17 30.96
CA ASN C 205 -14.76 13.55 31.46
C ASN C 205 -15.58 14.27 30.39
N THR C 206 -15.59 13.71 29.18
CA THR C 206 -16.27 14.30 28.03
C THR C 206 -17.43 13.42 27.59
N LYS C 207 -18.61 14.02 27.47
CA LYS C 207 -19.77 13.35 26.89
C LYS C 207 -20.25 14.16 25.68
N VAL C 208 -20.47 13.51 24.56
CA VAL C 208 -21.02 14.18 23.39
C VAL C 208 -22.16 13.35 22.83
N ASP C 209 -23.23 14.04 22.44
CA ASP C 209 -24.34 13.44 21.71
C ASP C 209 -24.46 14.18 20.40
N LYS C 210 -24.20 13.49 19.29
CA LYS C 210 -24.25 14.11 17.96
C LYS C 210 -25.40 13.48 17.18
N LYS C 211 -26.42 14.28 16.91
CA LYS C 211 -27.48 13.84 15.99
C LYS C 211 -26.90 13.66 14.59
N VAL C 212 -27.21 12.53 13.96
CA VAL C 212 -26.81 12.25 12.58
C VAL C 212 -28.05 12.20 11.71
N GLU C 213 -28.08 13.03 10.68
CA GLU C 213 -29.25 13.16 9.84
C GLU C 213 -28.80 13.51 8.43
N PRO C 214 -29.65 13.28 7.42
CA PRO C 214 -29.43 13.71 6.05
C PRO C 214 -29.04 15.17 5.95
N ILE D 2 18.08 -19.47 13.98
CA ILE D 2 16.97 -20.36 13.66
C ILE D 2 15.66 -19.63 13.39
N MET D 3 15.18 -19.68 12.15
CA MET D 3 13.89 -19.11 11.77
C MET D 3 12.76 -20.11 11.95
N MET D 4 11.54 -19.56 12.06
CA MET D 4 10.31 -20.33 12.28
C MET D 4 9.23 -19.76 11.37
N THR D 5 8.74 -20.58 10.43
CA THR D 5 7.66 -20.19 9.53
C THR D 5 6.39 -21.00 9.84
N GLN D 6 5.27 -20.30 10.01
CA GLN D 6 3.96 -20.93 10.18
C GLN D 6 3.08 -20.67 8.96
N SER D 7 2.47 -21.74 8.45
CA SER D 7 1.64 -21.63 7.27
C SER D 7 0.41 -22.50 7.47
N PRO D 8 -0.78 -22.01 7.09
CA PRO D 8 -1.01 -20.61 6.69
C PRO D 8 -1.12 -19.69 7.90
N SER D 9 -1.19 -18.38 7.65
CA SER D 9 -1.33 -17.42 8.73
C SER D 9 -2.73 -17.41 9.31
N SER D 10 -3.73 -17.70 8.49
CA SER D 10 -5.12 -17.76 8.91
C SER D 10 -5.70 -19.10 8.49
N LEU D 11 -6.69 -19.57 9.25
CA LEU D 11 -7.27 -20.88 8.96
C LEU D 11 -8.75 -20.83 9.33
N ALA D 12 -9.62 -20.95 8.33
CA ALA D 12 -11.04 -21.01 8.60
C ALA D 12 -11.43 -22.43 8.97
N VAL D 13 -12.18 -22.58 10.05
CA VAL D 13 -12.50 -23.90 10.57
C VAL D 13 -13.99 -23.97 10.85
N SER D 14 -14.50 -25.19 10.93
CA SER D 14 -15.89 -25.43 11.28
C SER D 14 -15.96 -26.15 12.61
N ALA D 15 -17.06 -25.92 13.32
CA ALA D 15 -17.27 -26.54 14.61
C ALA D 15 -17.19 -28.06 14.50
N GLY D 16 -16.31 -28.67 15.30
CA GLY D 16 -16.16 -30.11 15.38
C GLY D 16 -15.15 -30.73 14.45
N GLU D 17 -14.47 -29.93 13.64
CA GLU D 17 -13.58 -30.45 12.61
C GLU D 17 -12.20 -30.76 13.20
N LYS D 18 -11.48 -31.66 12.52
CA LYS D 18 -10.04 -31.77 12.75
C LYS D 18 -9.35 -30.54 12.16
N VAL D 19 -8.38 -30.00 12.90
CA VAL D 19 -7.58 -28.85 12.48
C VAL D 19 -6.12 -29.19 12.68
N THR D 20 -5.27 -28.80 11.74
CA THR D 20 -3.83 -28.97 11.90
C THR D 20 -3.11 -27.69 11.54
N VAL D 21 -2.12 -27.31 12.36
CA VAL D 21 -1.31 -26.13 12.12
C VAL D 21 0.12 -26.60 11.91
N ASN D 22 0.80 -26.03 10.93
CA ASN D 22 2.15 -26.46 10.60
C ASN D 22 3.19 -25.44 11.03
N CYS D 23 4.37 -25.96 11.41
CA CYS D 23 5.53 -25.15 11.77
C CYS D 23 6.75 -25.73 11.08
N LYS D 24 7.52 -24.89 10.39
CA LYS D 24 8.80 -25.28 9.81
C LYS D 24 9.93 -24.46 10.45
N SER D 25 10.92 -25.13 11.04
CA SER D 25 12.12 -24.46 11.54
C SER D 25 13.23 -24.52 10.48
N SER D 26 14.11 -23.52 10.49
CA SER D 26 15.11 -23.44 9.44
C SER D 26 16.30 -24.37 9.70
N GLN D 27 16.49 -24.84 10.93
CA GLN D 27 17.41 -25.91 11.26
C GLN D 27 16.73 -26.87 12.23
N SER D 28 17.23 -28.11 12.24
CA SER D 28 16.72 -29.10 13.18
C SER D 28 16.77 -28.58 14.62
N VAL D 29 15.66 -28.73 15.32
CA VAL D 29 15.60 -28.44 16.73
C VAL D 29 15.68 -29.73 17.57
N LEU D 30 16.10 -30.82 16.95
CA LEU D 30 16.27 -32.10 17.64
C LEU D 30 17.70 -32.14 18.18
N TYR D 31 17.82 -32.08 19.52
CA TYR D 31 19.14 -32.12 20.13
C TYR D 31 19.67 -33.55 20.13
N SER D 32 20.86 -33.71 19.54
CA SER D 32 21.42 -35.03 19.31
C SER D 32 21.49 -35.84 20.60
N SER D 33 22.06 -35.26 21.66
CA SER D 33 22.44 -36.01 22.85
C SER D 33 21.24 -36.65 23.55
N ASN D 34 20.11 -35.95 23.64
CA ASN D 34 18.97 -36.47 24.38
C ASN D 34 17.77 -36.83 23.49
N GLN D 35 17.85 -36.62 22.17
CA GLN D 35 16.78 -37.01 21.23
C GLN D 35 15.47 -36.25 21.48
N MET D 36 15.56 -35.01 21.94
CA MET D 36 14.37 -34.22 22.24
C MET D 36 14.28 -33.09 21.22
N ASN D 37 13.05 -32.76 20.84
CA ASN D 37 12.81 -31.65 19.94
C ASN D 37 12.47 -30.44 20.81
N TYR D 38 13.31 -29.41 20.73
CA TYR D 38 13.18 -28.21 21.54
C TYR D 38 12.15 -27.28 20.90
N LEU D 39 10.89 -27.71 20.92
CA LEU D 39 9.83 -27.00 20.24
C LEU D 39 8.57 -26.99 21.10
N ALA D 40 7.97 -25.81 21.25
CA ALA D 40 6.75 -25.63 22.03
C ALA D 40 5.64 -24.99 21.20
N TRP D 41 4.41 -25.24 21.62
CA TRP D 41 3.21 -24.69 21.00
C TRP D 41 2.43 -23.88 22.04
N TYR D 42 1.91 -22.72 21.64
CA TYR D 42 1.19 -21.82 22.53
C TYR D 42 -0.14 -21.38 21.91
N GLN D 43 -1.14 -21.27 22.77
CA GLN D 43 -2.41 -20.64 22.41
C GLN D 43 -2.47 -19.26 23.04
N GLN D 44 -2.85 -18.25 22.25
CA GLN D 44 -3.00 -16.90 22.80
C GLN D 44 -4.31 -16.26 22.33
N LYS D 45 -5.02 -15.67 23.28
CA LYS D 45 -6.29 -15.00 23.09
C LYS D 45 -6.14 -13.51 23.37
N PRO D 46 -6.90 -12.65 22.68
CA PRO D 46 -6.65 -11.20 22.75
C PRO D 46 -6.61 -10.71 24.18
N GLY D 47 -5.63 -9.86 24.48
CA GLY D 47 -5.48 -9.30 25.81
C GLY D 47 -4.89 -10.24 26.85
N GLN D 48 -4.37 -11.39 26.45
CA GLN D 48 -3.98 -12.44 27.39
C GLN D 48 -2.54 -12.90 27.15
N SER D 49 -1.91 -13.41 28.21
CA SER D 49 -0.63 -14.07 28.03
C SER D 49 -0.80 -15.30 27.13
N PRO D 50 0.25 -15.68 26.42
CA PRO D 50 0.23 -16.99 25.76
C PRO D 50 0.12 -18.10 26.80
N LYS D 51 -0.54 -19.20 26.39
CA LYS D 51 -0.71 -20.39 27.23
C LYS D 51 0.06 -21.55 26.61
N LEU D 52 1.00 -22.10 27.37
CA LEU D 52 1.75 -23.25 26.87
C LEU D 52 0.81 -24.44 26.70
N LEU D 53 0.86 -25.03 25.51
CA LEU D 53 0.04 -26.17 25.12
C LEU D 53 0.84 -27.47 25.10
N ILE D 54 1.86 -27.51 24.26
CA ILE D 54 2.71 -28.67 24.04
C ILE D 54 4.16 -28.24 24.17
N TYR D 55 5.01 -29.15 24.63
CA TYR D 55 6.44 -28.88 24.66
C TYR D 55 7.17 -30.18 24.40
N TRP D 56 8.48 -30.09 24.21
CA TRP D 56 9.30 -31.23 23.74
C TRP D 56 8.68 -31.86 22.50
N ALA D 57 7.99 -31.02 21.71
CA ALA D 57 7.31 -31.31 20.45
C ALA D 57 6.04 -32.14 20.62
N SER D 58 5.99 -33.03 21.61
CA SER D 58 4.79 -33.85 21.70
C SER D 58 4.25 -34.04 23.12
N THR D 59 4.81 -33.40 24.14
CA THR D 59 4.33 -33.57 25.51
C THR D 59 3.22 -32.57 25.81
N ARG D 60 2.01 -33.07 26.10
CA ARG D 60 0.89 -32.20 26.42
C ARG D 60 1.08 -31.58 27.79
N GLU D 61 1.05 -30.25 27.85
CA GLU D 61 1.12 -29.56 29.14
C GLU D 61 -0.08 -29.95 30.00
N SER D 62 0.10 -29.85 31.31
CA SER D 62 -0.95 -30.25 32.25
C SER D 62 -2.17 -29.33 32.18
N GLY D 63 -3.36 -29.93 32.25
CA GLY D 63 -4.62 -29.22 32.18
C GLY D 63 -5.07 -28.89 30.78
N VAL D 64 -4.22 -29.11 29.80
CA VAL D 64 -4.59 -28.83 28.41
C VAL D 64 -5.52 -29.94 27.93
N PRO D 65 -6.68 -29.61 27.34
CA PRO D 65 -7.58 -30.65 26.82
C PRO D 65 -6.85 -31.66 25.95
N ASP D 66 -7.28 -32.92 26.06
CA ASP D 66 -6.69 -34.04 25.32
C ASP D 66 -6.83 -33.92 23.80
N ARG D 67 -7.67 -33.03 23.30
CA ARG D 67 -7.81 -32.88 21.87
C ARG D 67 -6.64 -32.13 21.25
N PHE D 68 -5.70 -31.64 22.03
CA PHE D 68 -4.51 -30.96 21.50
C PHE D 68 -3.34 -31.96 21.49
N THR D 69 -2.69 -32.10 20.33
CA THR D 69 -1.56 -33.02 20.17
C THR D 69 -0.49 -32.41 19.27
N GLY D 70 0.76 -32.65 19.61
CA GLY D 70 1.89 -32.20 18.80
C GLY D 70 2.63 -33.38 18.19
N SER D 71 3.33 -33.12 17.09
CA SER D 71 4.05 -34.18 16.37
C SER D 71 5.09 -33.54 15.47
N GLY D 72 5.93 -34.38 14.91
CA GLY D 72 7.06 -33.93 14.12
C GLY D 72 8.39 -34.16 14.82
N SER D 73 9.45 -34.10 14.03
CA SER D 73 10.82 -34.21 14.50
C SER D 73 11.70 -33.41 13.56
N GLY D 74 12.75 -32.81 14.11
CA GLY D 74 13.69 -32.09 13.28
C GLY D 74 13.27 -30.68 12.92
N THR D 75 12.65 -30.52 11.74
CA THR D 75 12.30 -29.21 11.25
C THR D 75 10.82 -29.05 10.93
N ASP D 76 10.04 -30.12 10.86
CA ASP D 76 8.64 -30.06 10.42
C ASP D 76 7.74 -30.54 11.55
N PHE D 77 6.95 -29.62 12.11
CA PHE D 77 6.13 -29.88 13.28
C PHE D 77 4.67 -29.52 13.01
N THR D 78 3.78 -30.22 13.72
CA THR D 78 2.35 -30.09 13.50
C THR D 78 1.61 -30.10 14.83
N LEU D 79 0.70 -29.13 15.00
CA LEU D 79 -0.27 -29.14 16.10
C LEU D 79 -1.64 -29.49 15.54
N THR D 80 -2.27 -30.50 16.12
CA THR D 80 -3.56 -31.01 15.66
C THR D 80 -4.59 -30.82 16.76
N ILE D 81 -5.78 -30.38 16.37
CA ILE D 81 -6.92 -30.27 17.27
C ILE D 81 -7.95 -31.25 16.76
N SER D 82 -8.13 -32.37 17.46
CA SER D 82 -8.95 -33.45 16.93
C SER D 82 -10.38 -33.02 16.64
N SER D 83 -10.90 -32.04 17.39
CA SER D 83 -12.29 -31.58 17.21
C SER D 83 -12.38 -30.15 17.77
N VAL D 84 -12.20 -29.17 16.88
CA VAL D 84 -12.14 -27.79 17.33
C VAL D 84 -13.46 -27.38 17.95
N GLN D 85 -13.38 -26.63 19.04
CA GLN D 85 -14.55 -26.00 19.63
C GLN D 85 -14.33 -24.48 19.69
N THR D 86 -15.37 -23.77 20.13
CA THR D 86 -15.37 -22.30 20.10
C THR D 86 -14.30 -21.72 21.02
N GLU D 87 -14.12 -22.34 22.19
CA GLU D 87 -13.00 -22.01 23.07
C GLU D 87 -11.66 -22.02 22.35
N ASP D 88 -11.51 -22.83 21.30
CA ASP D 88 -10.24 -23.00 20.62
C ASP D 88 -9.95 -21.92 19.59
N LEU D 89 -10.91 -21.07 19.25
CA LEU D 89 -10.61 -19.94 18.38
C LEU D 89 -9.62 -19.02 19.06
N ALA D 90 -8.40 -18.93 18.52
CA ALA D 90 -7.32 -18.11 19.08
C ALA D 90 -6.19 -18.07 18.04
N VAL D 91 -5.07 -17.48 18.39
CA VAL D 91 -3.86 -17.58 17.59
C VAL D 91 -2.96 -18.65 18.20
N TYR D 92 -2.25 -19.39 17.35
CA TYR D 92 -1.33 -20.44 17.80
C TYR D 92 0.06 -20.13 17.28
N TYR D 93 1.02 -20.05 18.19
CA TYR D 93 2.44 -19.85 17.87
C TYR D 93 3.22 -21.12 18.20
N CYS D 94 4.18 -21.46 17.34
CA CYS D 94 5.22 -22.39 17.73
C CYS D 94 6.41 -21.60 18.25
N LEU D 95 7.31 -22.29 18.97
CA LEU D 95 8.46 -21.65 19.59
C LEU D 95 9.65 -22.62 19.56
N GLN D 96 10.76 -22.20 18.97
CA GLN D 96 11.97 -22.98 19.14
C GLN D 96 12.72 -22.40 20.34
N TYR D 97 13.28 -23.30 21.16
CA TYR D 97 14.13 -22.88 22.28
C TYR D 97 15.41 -23.72 22.37
N LEU D 98 15.95 -24.16 21.22
CA LEU D 98 17.23 -24.87 21.29
C LEU D 98 18.38 -23.89 21.47
N SER D 99 18.48 -22.88 20.60
CA SER D 99 19.42 -21.78 20.81
C SER D 99 18.62 -20.49 20.77
N SER D 100 18.62 -19.77 21.89
CA SER D 100 17.73 -18.63 22.06
C SER D 100 16.27 -19.04 21.83
N TRP D 101 15.39 -18.06 21.68
CA TRP D 101 13.99 -18.28 21.35
C TRP D 101 13.71 -17.68 19.99
N THR D 102 12.93 -18.39 19.17
CA THR D 102 12.29 -17.78 18.01
C THR D 102 10.86 -18.27 17.89
N PHE D 103 9.96 -17.33 17.66
CA PHE D 103 8.55 -17.60 17.47
C PHE D 103 8.20 -17.63 15.99
N GLY D 104 7.28 -18.52 15.63
CA GLY D 104 6.65 -18.41 14.33
C GLY D 104 5.78 -17.19 14.30
N GLY D 105 5.29 -16.87 13.10
CA GLY D 105 4.48 -15.68 12.95
C GLY D 105 3.05 -15.84 13.42
N GLY D 106 2.65 -17.07 13.72
CA GLY D 106 1.35 -17.36 14.29
C GLY D 106 0.35 -17.78 13.23
N THR D 107 -0.57 -18.66 13.63
CA THR D 107 -1.71 -19.06 12.83
C THR D 107 -2.97 -18.72 13.60
N LYS D 108 -3.90 -18.02 12.95
CA LYS D 108 -5.16 -17.59 13.54
C LYS D 108 -6.31 -18.43 13.00
N LEU D 109 -7.12 -18.95 13.90
CA LEU D 109 -8.31 -19.71 13.52
C LEU D 109 -9.55 -18.81 13.52
N GLU D 110 -10.29 -18.83 12.41
CA GLU D 110 -11.57 -18.18 12.31
C GLU D 110 -12.63 -19.24 11.99
N ILE D 111 -13.89 -18.82 12.03
CA ILE D 111 -15.05 -19.66 11.72
C ILE D 111 -15.28 -19.63 10.21
N LYS D 112 -15.28 -20.79 9.57
CA LYS D 112 -15.65 -20.87 8.15
C LYS D 112 -17.13 -20.50 7.95
N ARG D 113 -17.42 -19.83 6.85
CA ARG D 113 -18.77 -19.54 6.37
C ARG D 113 -18.69 -19.26 4.88
N THR D 114 -19.85 -19.09 4.26
CA THR D 114 -19.93 -18.91 2.81
C THR D 114 -19.58 -17.48 2.43
N VAL D 115 -19.06 -17.34 1.20
CA VAL D 115 -18.61 -16.03 0.73
C VAL D 115 -19.79 -15.03 0.78
N ALA D 116 -19.50 -13.82 1.25
CA ALA D 116 -20.49 -12.74 1.31
C ALA D 116 -19.84 -11.45 0.84
N ALA D 117 -20.33 -10.87 -0.24
CA ALA D 117 -19.74 -9.64 -0.77
C ALA D 117 -20.07 -8.46 0.14
N PRO D 118 -19.18 -7.48 0.22
CA PRO D 118 -19.44 -6.33 1.08
C PRO D 118 -20.54 -5.43 0.53
N SER D 119 -21.18 -4.72 1.44
CA SER D 119 -21.92 -3.51 1.14
C SER D 119 -20.97 -2.33 1.30
N VAL D 120 -20.91 -1.44 0.31
CA VAL D 120 -19.95 -0.34 0.32
C VAL D 120 -20.67 1.00 0.44
N PHE D 121 -20.10 1.90 1.23
CA PHE D 121 -20.61 3.23 1.46
C PHE D 121 -19.45 4.21 1.52
N ILE D 122 -19.64 5.39 0.94
CA ILE D 122 -18.67 6.47 1.02
C ILE D 122 -19.30 7.60 1.81
N PHE D 123 -18.46 8.35 2.52
CA PHE D 123 -18.89 9.39 3.44
C PHE D 123 -18.02 10.62 3.25
N PRO D 124 -18.58 11.77 2.88
CA PRO D 124 -17.77 12.97 2.72
C PRO D 124 -17.46 13.60 4.07
N PRO D 125 -16.44 14.47 4.16
CA PRO D 125 -16.20 15.18 5.41
C PRO D 125 -17.37 16.11 5.71
N SER D 126 -17.71 16.20 6.99
CA SER D 126 -18.77 17.11 7.39
C SER D 126 -18.29 18.56 7.32
N ASP D 127 -19.24 19.49 7.31
CA ASP D 127 -18.90 20.91 7.33
C ASP D 127 -18.22 21.31 8.64
N GLU D 128 -18.64 20.69 9.76
CA GLU D 128 -18.04 21.00 11.06
C GLU D 128 -16.55 20.66 11.07
N GLN D 129 -16.19 19.44 10.65
CA GLN D 129 -14.78 19.11 10.57
C GLN D 129 -14.07 20.01 9.58
N LEU D 130 -14.76 20.44 8.53
CA LEU D 130 -14.11 21.26 7.51
C LEU D 130 -13.62 22.58 8.08
N LYS D 131 -14.35 23.16 9.05
CA LYS D 131 -13.87 24.39 9.67
C LYS D 131 -12.56 24.21 10.40
N SER D 132 -12.24 22.99 10.84
CA SER D 132 -11.09 22.73 11.68
C SER D 132 -9.78 22.57 10.94
N GLY D 133 -9.76 22.65 9.60
CA GLY D 133 -8.53 22.58 8.84
C GLY D 133 -8.26 21.24 8.19
N THR D 134 -8.80 20.15 8.74
CA THR D 134 -8.62 18.81 8.17
C THR D 134 -9.96 18.25 7.69
N ALA D 135 -9.86 17.29 6.76
CA ALA D 135 -11.02 16.65 6.14
C ALA D 135 -10.81 15.15 6.13
N SER D 136 -11.81 14.41 6.58
CA SER D 136 -11.77 12.95 6.58
C SER D 136 -12.86 12.42 5.64
N VAL D 137 -12.46 11.53 4.74
CA VAL D 137 -13.38 10.80 3.87
C VAL D 137 -13.35 9.34 4.30
N VAL D 138 -14.52 8.74 4.50
CA VAL D 138 -14.63 7.40 5.09
C VAL D 138 -15.28 6.46 4.10
N CYS D 139 -14.61 5.35 3.82
CA CYS D 139 -15.22 4.25 3.08
C CYS D 139 -15.57 3.13 4.05
N LEU D 140 -16.79 2.61 3.95
CA LEU D 140 -17.24 1.51 4.79
C LEU D 140 -17.50 0.26 3.95
N LEU D 141 -16.96 -0.88 4.40
CA LEU D 141 -17.21 -2.20 3.83
C LEU D 141 -17.95 -3.03 4.88
N ASN D 142 -19.23 -3.31 4.66
CA ASN D 142 -20.12 -3.89 5.66
C ASN D 142 -20.40 -5.38 5.40
N ASN D 143 -20.13 -6.21 6.41
CA ASN D 143 -20.55 -7.63 6.50
C ASN D 143 -20.12 -8.45 5.27
N PHE D 144 -18.80 -8.59 5.12
CA PHE D 144 -18.24 -9.40 4.06
C PHE D 144 -17.45 -10.60 4.59
N TYR D 145 -17.24 -11.60 3.71
CA TYR D 145 -16.44 -12.78 4.00
C TYR D 145 -15.93 -13.44 2.72
N PRO D 146 -14.63 -13.82 2.67
CA PRO D 146 -13.66 -13.72 3.77
C PRO D 146 -13.06 -12.31 4.01
N ARG D 147 -12.00 -12.20 4.83
CA ARG D 147 -11.49 -10.89 5.25
C ARG D 147 -10.68 -10.19 4.17
N GLU D 148 -10.01 -10.94 3.29
CA GLU D 148 -9.17 -10.35 2.26
C GLU D 148 -9.97 -9.35 1.42
N ALA D 149 -9.46 -8.12 1.32
CA ALA D 149 -10.14 -7.10 0.53
C ALA D 149 -9.14 -6.03 0.13
N LYS D 150 -9.35 -5.46 -1.06
CA LYS D 150 -8.54 -4.34 -1.53
C LYS D 150 -9.42 -3.11 -1.66
N VAL D 151 -9.04 -2.05 -0.95
CA VAL D 151 -9.73 -0.77 -1.03
C VAL D 151 -8.76 0.25 -1.57
N GLN D 152 -9.17 0.97 -2.61
CA GLN D 152 -8.32 1.95 -3.27
C GLN D 152 -9.04 3.28 -3.38
N TRP D 153 -8.36 4.34 -2.91
CA TRP D 153 -8.86 5.70 -3.02
C TRP D 153 -8.41 6.34 -4.32
N LYS D 154 -9.36 6.86 -5.07
CA LYS D 154 -9.08 7.70 -6.22
C LYS D 154 -9.64 9.08 -5.95
N VAL D 155 -8.83 10.11 -6.19
CA VAL D 155 -9.23 11.49 -5.96
C VAL D 155 -9.02 12.24 -7.27
N ASP D 156 -10.12 12.59 -7.94
CA ASP D 156 -10.07 13.08 -9.31
C ASP D 156 -9.29 12.12 -10.19
N ASN D 157 -9.45 10.82 -9.90
CA ASN D 157 -8.89 9.68 -10.63
C ASN D 157 -7.45 9.36 -10.26
N ALA D 158 -6.74 10.21 -9.51
CA ALA D 158 -5.39 9.88 -9.09
C ALA D 158 -5.45 8.95 -7.88
N LEU D 159 -4.77 7.83 -7.97
CA LEU D 159 -4.78 6.82 -6.92
C LEU D 159 -3.99 7.33 -5.70
N GLN D 160 -4.65 7.41 -4.54
CA GLN D 160 -3.98 7.89 -3.34
C GLN D 160 -3.07 6.82 -2.74
N SER D 161 -1.97 7.27 -2.14
CA SER D 161 -0.94 6.43 -1.54
C SER D 161 -0.44 7.06 -0.25
N GLY D 162 -0.41 6.28 0.82
CA GLY D 162 0.17 6.71 2.08
C GLY D 162 -0.64 7.70 2.88
N ASN D 163 -1.91 7.94 2.54
CA ASN D 163 -2.72 8.90 3.28
C ASN D 163 -4.06 8.32 3.72
N SER D 164 -4.13 7.00 3.91
CA SER D 164 -5.35 6.36 4.41
C SER D 164 -4.97 5.31 5.46
N GLN D 165 -5.98 4.89 6.24
CA GLN D 165 -5.81 3.82 7.23
C GLN D 165 -7.08 2.98 7.24
N GLU D 166 -6.87 1.67 7.27
CA GLU D 166 -7.92 0.67 7.32
C GLU D 166 -8.18 0.28 8.77
N SER D 167 -9.37 -0.25 9.02
CA SER D 167 -9.65 -0.78 10.35
C SER D 167 -10.71 -1.86 10.22
N VAL D 168 -10.51 -2.96 10.97
CA VAL D 168 -11.27 -4.19 10.81
C VAL D 168 -11.90 -4.56 12.13
N THR D 169 -13.20 -4.87 12.10
CA THR D 169 -13.84 -5.51 13.23
C THR D 169 -13.41 -6.97 13.35
N GLU D 170 -13.53 -7.50 14.56
CA GLU D 170 -13.38 -8.94 14.73
C GLU D 170 -14.60 -9.63 14.13
N GLN D 171 -14.50 -10.93 13.91
CA GLN D 171 -15.59 -11.68 13.30
C GLN D 171 -16.87 -11.52 14.10
N ASP D 172 -17.97 -11.26 13.42
CA ASP D 172 -19.24 -11.03 14.11
C ASP D 172 -19.72 -12.33 14.73
N SER D 173 -20.09 -12.28 16.01
CA SER D 173 -20.40 -13.55 16.66
C SER D 173 -21.69 -14.17 16.15
N LYS D 174 -22.50 -13.42 15.42
CA LYS D 174 -23.75 -13.97 14.89
C LYS D 174 -23.61 -14.50 13.47
N ASP D 175 -23.12 -13.70 12.53
CA ASP D 175 -23.09 -14.13 11.15
C ASP D 175 -21.67 -14.33 10.61
N SER D 176 -20.65 -14.28 11.46
CA SER D 176 -19.29 -14.63 11.09
C SER D 176 -18.72 -13.71 10.00
N THR D 177 -19.22 -12.49 9.89
CA THR D 177 -18.71 -11.60 8.85
C THR D 177 -17.75 -10.58 9.46
N TYR D 178 -17.07 -9.88 8.56
CA TYR D 178 -16.16 -8.80 8.91
C TYR D 178 -16.71 -7.49 8.37
N SER D 179 -16.38 -6.39 9.04
CA SER D 179 -16.59 -5.06 8.46
C SER D 179 -15.31 -4.25 8.58
N LEU D 180 -15.12 -3.34 7.63
CA LEU D 180 -13.90 -2.57 7.49
C LEU D 180 -14.22 -1.11 7.19
N SER D 181 -13.42 -0.21 7.76
CA SER D 181 -13.44 1.20 7.39
C SER D 181 -12.08 1.61 6.84
N SER D 182 -12.07 2.46 5.81
CA SER D 182 -10.86 3.07 5.28
C SER D 182 -11.04 4.57 5.30
N THR D 183 -10.14 5.28 5.99
CA THR D 183 -10.27 6.72 6.22
C THR D 183 -9.15 7.46 5.52
N LEU D 184 -9.50 8.23 4.50
CA LEU D 184 -8.58 9.10 3.77
C LEU D 184 -8.57 10.49 4.42
N THR D 185 -7.40 10.92 4.91
CA THR D 185 -7.25 12.23 5.57
C THR D 185 -6.54 13.21 4.63
N LEU D 186 -7.14 14.37 4.43
CA LEU D 186 -6.54 15.42 3.63
C LEU D 186 -6.64 16.74 4.38
N SER D 187 -5.67 17.62 4.13
CA SER D 187 -5.84 19.00 4.56
C SER D 187 -7.07 19.58 3.87
N LYS D 188 -7.73 20.53 4.55
CA LYS D 188 -8.88 21.21 3.96
C LYS D 188 -8.54 21.80 2.60
N ALA D 189 -7.43 22.52 2.52
CA ALA D 189 -6.99 23.09 1.25
C ALA D 189 -6.86 22.00 0.19
N ASP D 190 -6.24 20.87 0.53
CA ASP D 190 -6.10 19.78 -0.44
C ASP D 190 -7.46 19.29 -0.89
N TYR D 191 -8.32 18.94 0.06
CA TYR D 191 -9.64 18.42 -0.27
C TYR D 191 -10.42 19.39 -1.16
N GLU D 192 -10.24 20.69 -0.97
CA GLU D 192 -11.04 21.64 -1.73
C GLU D 192 -10.45 21.97 -3.09
N LYS D 193 -9.37 21.32 -3.48
CA LYS D 193 -8.86 21.46 -4.84
C LYS D 193 -9.40 20.41 -5.79
N HIS D 194 -10.22 19.46 -5.32
CA HIS D 194 -10.67 18.35 -6.14
C HIS D 194 -12.16 18.14 -6.00
N LYS D 195 -12.69 17.34 -6.94
CA LYS D 195 -14.13 17.14 -7.10
C LYS D 195 -14.53 15.68 -6.89
N VAL D 196 -14.03 14.74 -7.68
CA VAL D 196 -14.49 13.34 -7.62
C VAL D 196 -13.68 12.58 -6.59
N TYR D 197 -14.35 12.12 -5.54
CA TYR D 197 -13.76 11.30 -4.49
C TYR D 197 -14.39 9.92 -4.58
N ALA D 198 -13.57 8.90 -4.85
CA ALA D 198 -14.08 7.57 -5.14
C ALA D 198 -13.39 6.49 -4.30
N CYS D 199 -14.17 5.46 -4.00
CA CYS D 199 -13.74 4.30 -3.23
C CYS D 199 -13.94 3.06 -4.11
N GLU D 200 -12.85 2.41 -4.50
CA GLU D 200 -12.92 1.19 -5.30
C GLU D 200 -12.62 -0.02 -4.41
N VAL D 201 -13.52 -1.00 -4.43
CA VAL D 201 -13.46 -2.17 -3.56
C VAL D 201 -13.42 -3.41 -4.43
N THR D 202 -12.44 -4.27 -4.17
CA THR D 202 -12.29 -5.56 -4.84
C THR D 202 -12.44 -6.67 -3.81
N HIS D 203 -13.38 -7.59 -4.04
CA HIS D 203 -13.60 -8.68 -3.10
C HIS D 203 -14.06 -9.91 -3.84
N GLN D 204 -13.70 -11.07 -3.28
CA GLN D 204 -14.04 -12.37 -3.87
C GLN D 204 -15.53 -12.50 -4.19
N GLY D 205 -16.40 -11.91 -3.38
CA GLY D 205 -17.82 -12.00 -3.64
C GLY D 205 -18.37 -11.00 -4.63
N LEU D 206 -17.52 -10.19 -5.25
CA LEU D 206 -17.93 -9.20 -6.23
C LEU D 206 -17.47 -9.62 -7.61
N SER D 207 -18.43 -9.74 -8.54
CA SER D 207 -18.22 -9.95 -9.97
C SER D 207 -17.02 -9.19 -10.54
N SER D 208 -16.90 -7.94 -10.12
CA SER D 208 -15.82 -7.03 -10.49
C SER D 208 -15.83 -5.91 -9.46
N PRO D 209 -14.80 -5.07 -9.41
CA PRO D 209 -14.71 -4.13 -8.29
C PRO D 209 -15.87 -3.14 -8.34
N VAL D 210 -16.35 -2.77 -7.16
CA VAL D 210 -17.47 -1.83 -7.01
C VAL D 210 -16.91 -0.48 -6.59
N THR D 211 -17.37 0.58 -7.24
CA THR D 211 -16.97 1.93 -6.86
C THR D 211 -18.15 2.69 -6.30
N LYS D 212 -17.96 3.33 -5.14
CA LYS D 212 -18.85 4.37 -4.67
C LYS D 212 -18.08 5.69 -4.71
N SER D 213 -18.79 6.76 -5.04
CA SER D 213 -18.13 8.05 -5.08
C SER D 213 -19.13 9.19 -4.85
N PHE D 214 -18.59 10.39 -4.67
CA PHE D 214 -19.38 11.59 -4.55
C PHE D 214 -18.57 12.74 -5.16
N ASN D 215 -19.26 13.82 -5.51
CA ASN D 215 -18.62 15.03 -5.99
C ASN D 215 -18.73 16.10 -4.92
N ARG D 216 -17.59 16.64 -4.51
CA ARG D 216 -17.54 17.75 -3.58
C ARG D 216 -18.54 18.82 -3.96
N GLY D 217 -19.52 19.04 -3.09
CA GLY D 217 -20.44 20.15 -3.21
C GLY D 217 -21.79 19.83 -3.81
N GLU D 218 -22.23 18.59 -3.72
CA GLU D 218 -23.45 18.17 -4.42
C GLU D 218 -24.39 17.36 -3.53
#